data_3WVN
#
_entry.id   3WVN
#
_cell.length_a   80.530
_cell.length_b   109.300
_cell.length_c   200.070
_cell.angle_alpha   90.00
_cell.angle_beta   90.00
_cell.angle_gamma   90.00
#
_symmetry.space_group_name_H-M   'C 2 2 21'
#
loop_
_entity.id
_entity.type
_entity.pdbx_description
1 polymer 'Non-ribosomal peptide synthetase'
2 non-polymer 'ASPARTIC ACID'
3 water water
#
_entity_poly.entity_id   1
_entity_poly.type   'polypeptide(L)'
_entity_poly.pdbx_seq_one_letter_code
;MNHKVHHHHHHIEGRHMYSPDRRAALNSVANMVSDNADKDLRYGGLVHDLLADSGKATPNSDAMEDAFGTWTYQELLNHS
QAFSAWLDGKGVARGERIVVQLPNIRQTVAVFYGACRRGVVFVPLNPGMKPFHLRSVIADADPRLVIAEDETAADRLRDV
TDLPVYSIDSLWADVERLRDAGAGAEAVEVSPEDLAVLIYTSGSTAAPKAVACPHQQIVFAASSINAVLGYHAEDIVFCR
MSVSWDFGLYKVLISTLTGAKLVLAGGEPDIALVKSLRESGATMMPIVPSLASMLTTLIRRDPEGAPTLRMFTNSAAALP
QVTIDALRSAFPGAQVVRMYGQTECKRISIMPPHLEHERPDSVGLPLPGTTIEILDEDGTLLPPGEPGEITVTGPHVMAG
YWRAPEITARAYRRDETTGAMRLHTGDYGHLDEDGFLYFGGRRDDMFKRKGTRMSTVEIEAAALDIPGVTAAVALPPTAT
RDLALCVASDLEPHDVLRSLAERLEPAKVPATCRIVNDFPLTLNGKSERKQLARLLDGSDK
;
_entity_poly.pdbx_strand_id   A,B
#
# COMPACT_ATOMS: atom_id res chain seq x y z
N LYS A 39 -20.12 -26.06 -9.00
CA LYS A 39 -19.62 -26.68 -10.28
C LYS A 39 -18.55 -27.76 -9.94
N ASP A 40 -17.26 -27.37 -10.03
CA ASP A 40 -16.14 -28.03 -9.36
C ASP A 40 -15.91 -27.33 -8.00
N LEU A 41 -16.81 -26.43 -7.68
CA LEU A 41 -16.71 -25.64 -6.46
C LEU A 41 -16.98 -26.46 -5.23
N ARG A 42 -16.14 -26.29 -4.22
CA ARG A 42 -16.18 -27.02 -2.99
C ARG A 42 -16.72 -26.16 -1.86
N TYR A 43 -17.86 -26.58 -1.30
CA TYR A 43 -18.48 -25.94 -0.15
C TYR A 43 -18.32 -26.80 1.07
N GLY A 44 -18.16 -26.22 2.24
CA GLY A 44 -18.13 -27.01 3.47
C GLY A 44 -16.89 -27.83 3.67
N GLY A 45 -15.84 -27.58 2.89
CA GLY A 45 -14.63 -28.38 2.95
C GLY A 45 -13.69 -28.09 4.12
N LEU A 46 -12.87 -29.09 4.40
CA LEU A 46 -11.75 -29.02 5.29
C LEU A 46 -10.40 -29.06 4.53
N VAL A 47 -9.50 -28.15 4.86
CA VAL A 47 -8.21 -28.04 4.21
C VAL A 47 -7.42 -29.37 4.10
N HIS A 48 -7.24 -30.04 5.25
CA HIS A 48 -6.45 -31.29 5.26
C HIS A 48 -7.13 -32.43 4.49
N ASP A 49 -8.43 -32.37 4.24
CA ASP A 49 -9.04 -33.33 3.35
C ASP A 49 -8.50 -33.27 1.93
N LEU A 50 -8.01 -32.10 1.49
CA LEU A 50 -7.40 -32.02 0.14
C LEU A 50 -6.22 -32.98 0.04
N LEU A 51 -5.43 -33.00 1.14
CA LEU A 51 -4.25 -33.82 1.23
C LEU A 51 -4.58 -35.27 1.35
N ALA A 52 -5.56 -35.58 2.20
CA ALA A 52 -5.98 -36.96 2.41
C ALA A 52 -6.44 -37.52 1.08
N ASP A 53 -7.22 -36.74 0.33
CA ASP A 53 -7.67 -37.23 -0.98
C ASP A 53 -6.52 -37.51 -1.94
N SER A 54 -5.62 -36.54 -2.10
CA SER A 54 -4.53 -36.76 -3.04
C SER A 54 -3.53 -37.77 -2.55
N GLY A 55 -3.35 -37.84 -1.23
CA GLY A 55 -2.50 -38.88 -0.66
C GLY A 55 -2.95 -40.28 -0.98
N LYS A 56 -4.26 -40.49 -1.02
CA LYS A 56 -4.85 -41.76 -1.44
C LYS A 56 -5.04 -41.87 -2.93
N ALA A 57 -5.39 -40.79 -3.60
CA ALA A 57 -5.64 -40.89 -5.04
C ALA A 57 -4.35 -41.13 -5.86
N THR A 58 -3.30 -40.37 -5.55
CA THR A 58 -2.03 -40.44 -6.27
C THR A 58 -0.80 -40.45 -5.29
N PRO A 59 -0.70 -41.47 -4.43
CA PRO A 59 0.30 -41.47 -3.36
C PRO A 59 1.76 -41.38 -3.86
N ASN A 60 2.01 -41.93 -5.02
CA ASN A 60 3.37 -41.96 -5.59
C ASN A 60 3.70 -40.81 -6.51
N SER A 61 2.78 -39.88 -6.79
CA SER A 61 3.16 -38.67 -7.57
C SER A 61 3.87 -37.66 -6.70
N ASP A 62 4.76 -36.93 -7.36
CA ASP A 62 5.55 -35.93 -6.73
C ASP A 62 4.67 -34.76 -6.32
N ALA A 63 4.73 -34.41 -5.03
CA ALA A 63 3.89 -33.33 -4.53
C ALA A 63 4.68 -32.03 -4.25
N MET A 64 5.85 -32.12 -3.63
CA MET A 64 6.57 -30.93 -3.14
C MET A 64 8.03 -31.15 -3.42
N GLU A 65 8.67 -30.14 -4.02
CA GLU A 65 10.10 -30.14 -4.14
C GLU A 65 10.64 -28.83 -3.60
N ASP A 66 11.70 -28.92 -2.82
CA ASP A 66 12.40 -27.75 -2.38
C ASP A 66 13.90 -27.94 -2.74
N ALA A 67 14.78 -27.08 -2.22
CA ALA A 67 16.23 -27.16 -2.51
C ALA A 67 16.88 -28.43 -1.97
N PHE A 68 16.17 -29.17 -1.14
CA PHE A 68 16.78 -30.29 -0.39
C PHE A 68 16.26 -31.66 -0.80
N GLY A 69 15.06 -31.73 -1.33
CA GLY A 69 14.58 -33.01 -1.87
C GLY A 69 13.16 -32.88 -2.30
N THR A 70 12.54 -34.02 -2.50
CA THR A 70 11.20 -34.13 -2.99
C THR A 70 10.35 -35.11 -2.18
N TRP A 71 9.11 -34.73 -1.89
CA TRP A 71 8.16 -35.65 -1.29
C TRP A 71 7.08 -35.99 -2.31
N THR A 72 6.68 -37.25 -2.35
CA THR A 72 5.44 -37.66 -2.94
C THR A 72 4.26 -37.27 -2.06
N TYR A 73 3.06 -37.45 -2.56
CA TYR A 73 1.88 -37.09 -1.79
C TYR A 73 1.77 -38.00 -0.55
N GLN A 74 2.15 -39.28 -0.68
CA GLN A 74 2.19 -40.23 0.44
C GLN A 74 3.10 -39.72 1.55
N GLU A 75 4.33 -39.37 1.19
CA GLU A 75 5.30 -38.80 2.07
C GLU A 75 4.78 -37.55 2.68
N LEU A 76 4.24 -36.63 1.87
CA LEU A 76 3.65 -35.43 2.47
C LEU A 76 2.56 -35.78 3.53
N LEU A 77 1.73 -36.76 3.21
CA LEU A 77 0.62 -37.19 4.10
C LEU A 77 1.21 -37.78 5.39
N ASN A 78 2.20 -38.64 5.24
CA ASN A 78 2.89 -39.25 6.34
C ASN A 78 3.58 -38.22 7.27
N HIS A 79 4.35 -37.29 6.69
CA HIS A 79 4.99 -36.30 7.54
C HIS A 79 3.96 -35.38 8.17
N SER A 80 2.89 -35.04 7.47
CA SER A 80 1.85 -34.15 8.06
C SER A 80 1.18 -34.85 9.27
N GLN A 81 0.88 -36.14 9.11
CA GLN A 81 0.34 -36.99 10.18
C GLN A 81 1.30 -37.00 11.37
N ALA A 82 2.57 -37.29 11.12
CA ALA A 82 3.59 -37.25 12.17
C ALA A 82 3.64 -35.94 12.91
N PHE A 83 3.60 -34.83 12.18
CA PHE A 83 3.60 -33.52 12.82
C PHE A 83 2.34 -33.34 13.66
N SER A 84 1.19 -33.83 13.19
CA SER A 84 -0.05 -33.77 13.96
C SER A 84 0.16 -34.48 15.33
N ALA A 85 0.78 -35.66 15.30
CA ALA A 85 1.11 -36.37 16.56
C ALA A 85 2.08 -35.56 17.43
N TRP A 86 2.98 -34.81 16.83
CA TRP A 86 3.90 -33.99 17.63
C TRP A 86 3.12 -32.90 18.37
N LEU A 87 2.13 -32.33 17.72
CA LEU A 87 1.26 -31.33 18.36
C LEU A 87 0.48 -31.99 19.52
N ASP A 88 -0.05 -33.19 19.27
CA ASP A 88 -0.78 -33.91 20.29
C ASP A 88 0.15 -34.11 21.49
N GLY A 89 1.33 -34.66 21.21
CA GLY A 89 2.41 -34.81 22.19
C GLY A 89 2.72 -33.58 23.02
N LYS A 90 2.59 -32.41 22.42
CA LYS A 90 2.81 -31.14 23.08
C LYS A 90 1.53 -30.56 23.66
N GLY A 91 0.43 -31.28 23.52
CA GLY A 91 -0.86 -30.81 24.05
C GLY A 91 -1.39 -29.54 23.41
N VAL A 92 -1.05 -29.28 22.14
CA VAL A 92 -1.60 -28.12 21.44
C VAL A 92 -2.99 -28.50 21.00
N ALA A 93 -3.98 -27.72 21.40
CA ALA A 93 -5.37 -28.14 21.24
C ALA A 93 -6.08 -27.42 20.10
N ARG A 94 -7.12 -28.08 19.62
CA ARG A 94 -8.07 -27.48 18.71
C ARG A 94 -8.33 -26.02 19.00
N GLY A 95 -8.13 -25.17 17.99
CA GLY A 95 -8.43 -23.75 18.14
C GLY A 95 -7.29 -22.88 18.55
N GLU A 96 -6.25 -23.50 19.11
CA GLU A 96 -5.03 -22.77 19.44
C GLU A 96 -4.17 -22.46 18.20
N ARG A 97 -3.24 -21.52 18.33
CA ARG A 97 -2.37 -21.06 17.27
C ARG A 97 -0.95 -21.57 17.50
N ILE A 98 -0.29 -21.86 16.39
CA ILE A 98 1.15 -21.99 16.35
C ILE A 98 1.68 -20.93 15.39
N VAL A 99 2.68 -20.19 15.83
CA VAL A 99 3.38 -19.28 14.96
C VAL A 99 4.57 -20.01 14.37
N VAL A 100 4.66 -19.95 13.04
CA VAL A 100 5.64 -20.67 12.31
C VAL A 100 6.40 -19.68 11.46
N GLN A 101 7.68 -19.50 11.74
CA GLN A 101 8.52 -18.63 10.92
C GLN A 101 9.61 -19.41 10.21
N LEU A 102 9.25 -19.88 9.03
CA LEU A 102 10.08 -20.77 8.24
C LEU A 102 10.14 -20.34 6.82
N PRO A 103 11.20 -20.73 6.12
CA PRO A 103 11.33 -20.46 4.71
C PRO A 103 10.46 -21.45 3.96
N ASN A 104 10.58 -21.42 2.62
CA ASN A 104 9.81 -22.31 1.73
C ASN A 104 10.49 -23.67 1.63
N ILE A 105 10.13 -24.56 2.56
CA ILE A 105 10.71 -25.85 2.58
C ILE A 105 9.58 -26.85 2.81
N ARG A 106 9.84 -28.12 2.51
CA ARG A 106 8.81 -29.14 2.64
C ARG A 106 8.18 -29.20 4.04
N GLN A 107 9.00 -29.03 5.08
CA GLN A 107 8.56 -29.15 6.47
C GLN A 107 7.48 -28.18 6.77
N THR A 108 7.57 -26.96 6.25
CA THR A 108 6.53 -25.96 6.47
C THR A 108 5.13 -26.41 5.94
N VAL A 109 5.12 -27.14 4.84
CA VAL A 109 3.84 -27.58 4.28
C VAL A 109 3.28 -28.70 5.20
N ALA A 110 4.18 -29.53 5.72
CA ALA A 110 3.79 -30.60 6.62
C ALA A 110 3.28 -30.01 7.92
N VAL A 111 3.89 -28.91 8.36
CA VAL A 111 3.44 -28.25 9.53
C VAL A 111 2.05 -27.71 9.34
N PHE A 112 1.86 -27.06 8.20
CA PHE A 112 0.56 -26.53 7.81
C PHE A 112 -0.53 -27.60 7.84
N TYR A 113 -0.34 -28.66 7.08
CA TYR A 113 -1.40 -29.69 6.98
C TYR A 113 -1.57 -30.44 8.34
N GLY A 114 -0.47 -30.70 9.03
CA GLY A 114 -0.54 -31.39 10.32
C GLY A 114 -1.31 -30.61 11.34
N ALA A 115 -1.16 -29.30 11.30
CA ALA A 115 -1.91 -28.40 12.18
C ALA A 115 -3.38 -28.40 11.81
N CYS A 116 -3.67 -28.26 10.52
CA CYS A 116 -5.03 -28.33 10.03
C CYS A 116 -5.78 -29.60 10.45
N ARG A 117 -5.11 -30.75 10.35
CA ARG A 117 -5.67 -32.03 10.77
C ARG A 117 -6.05 -32.11 12.28
N ARG A 118 -5.62 -31.16 13.09
CA ARG A 118 -5.93 -31.12 14.51
C ARG A 118 -6.72 -29.88 14.89
N GLY A 119 -7.21 -29.12 13.90
CA GLY A 119 -7.92 -27.88 14.17
C GLY A 119 -7.08 -26.77 14.75
N VAL A 120 -5.76 -26.92 14.67
CA VAL A 120 -4.83 -25.93 15.15
C VAL A 120 -4.64 -24.88 14.06
N VAL A 121 -4.48 -23.61 14.46
CA VAL A 121 -4.46 -22.49 13.60
C VAL A 121 -3.01 -22.17 13.20
N PHE A 122 -2.70 -22.29 11.91
CA PHE A 122 -1.36 -22.05 11.36
C PHE A 122 -1.16 -20.55 11.22
N VAL A 123 -0.07 -19.98 11.75
CA VAL A 123 0.19 -18.56 11.63
C VAL A 123 1.56 -18.39 11.01
N PRO A 124 1.63 -18.35 9.65
CA PRO A 124 2.92 -18.29 9.03
C PRO A 124 3.44 -16.86 8.97
N LEU A 125 4.69 -16.70 9.39
CA LEU A 125 5.39 -15.44 9.31
C LEU A 125 6.65 -15.62 8.46
N ASN A 126 6.97 -14.54 7.80
CA ASN A 126 8.13 -14.42 6.99
C ASN A 126 9.45 -14.35 7.80
N PRO A 127 10.47 -15.15 7.43
CA PRO A 127 11.78 -14.99 8.05
C PRO A 127 12.31 -13.62 7.70
N GLY A 128 13.16 -13.06 8.54
CA GLY A 128 13.66 -11.71 8.28
C GLY A 128 12.88 -10.54 8.91
N MET A 129 11.70 -10.78 9.47
CA MET A 129 11.00 -9.71 10.18
C MET A 129 11.90 -9.11 11.23
N LYS A 130 11.79 -7.81 11.43
CA LYS A 130 12.52 -7.12 12.50
C LYS A 130 11.94 -7.59 13.80
N PRO A 131 12.78 -7.63 14.86
CA PRO A 131 12.33 -8.15 16.13
C PRO A 131 11.15 -7.47 16.78
N PHE A 132 11.12 -6.12 16.83
CA PHE A 132 9.97 -5.43 17.45
C PHE A 132 8.70 -5.85 16.65
N HIS A 133 8.87 -6.07 15.36
CA HIS A 133 7.75 -6.41 14.49
C HIS A 133 7.20 -7.79 14.85
N LEU A 134 8.07 -8.79 14.90
CA LEU A 134 7.76 -10.11 15.53
C LEU A 134 7.12 -10.04 16.90
N ARG A 135 7.70 -9.27 17.81
CA ARG A 135 7.12 -9.18 19.13
C ARG A 135 5.65 -8.81 19.01
N SER A 136 5.37 -7.76 18.22
CA SER A 136 4.00 -7.26 18.08
C SER A 136 3.06 -8.33 17.52
N VAL A 137 3.54 -8.99 16.48
CA VAL A 137 2.70 -9.92 15.75
C VAL A 137 2.52 -11.20 16.58
N ILE A 138 3.59 -11.69 17.20
CA ILE A 138 3.45 -12.88 18.03
C ILE A 138 2.46 -12.66 19.14
N ALA A 139 2.56 -11.52 19.82
CA ALA A 139 1.67 -11.22 20.93
C ALA A 139 0.24 -11.21 20.40
N ASP A 140 0.01 -10.53 19.27
CA ASP A 140 -1.36 -10.46 18.71
C ASP A 140 -1.93 -11.85 18.37
N ALA A 141 -1.11 -12.67 17.74
CA ALA A 141 -1.51 -14.03 17.35
C ALA A 141 -1.75 -14.89 18.54
N ASP A 142 -1.00 -14.64 19.63
CA ASP A 142 -1.27 -15.29 20.93
C ASP A 142 -1.21 -16.81 20.84
N PRO A 143 -0.05 -17.35 20.42
CA PRO A 143 0.04 -18.76 20.15
C PRO A 143 0.40 -19.57 21.35
N ARG A 144 0.31 -20.89 21.20
CA ARG A 144 0.70 -21.83 22.20
C ARG A 144 2.21 -22.06 22.14
N LEU A 145 2.80 -21.93 20.96
CA LEU A 145 4.25 -22.10 20.75
C LEU A 145 4.68 -21.54 19.41
N VAL A 146 5.98 -21.52 19.20
CA VAL A 146 6.55 -20.83 18.04
C VAL A 146 7.59 -21.76 17.46
N ILE A 147 7.62 -21.84 16.12
CA ILE A 147 8.54 -22.70 15.42
C ILE A 147 9.44 -21.80 14.58
N ALA A 148 10.75 -21.99 14.72
CA ALA A 148 11.73 -21.14 14.07
C ALA A 148 12.58 -21.96 13.11
N GLU A 149 13.37 -21.26 12.37
CA GLU A 149 14.06 -21.82 11.25
C GLU A 149 15.33 -22.56 11.67
N ASP A 150 15.94 -22.08 12.74
CA ASP A 150 17.14 -22.69 13.27
C ASP A 150 17.39 -22.12 14.66
N GLU A 151 18.53 -22.48 15.25
CA GLU A 151 18.84 -22.13 16.67
C GLU A 151 19.15 -20.68 16.86
N THR A 152 19.90 -20.09 15.95
CA THR A 152 20.14 -18.65 16.00
C THR A 152 18.76 -17.98 16.02
N ALA A 153 17.92 -18.31 15.04
CA ALA A 153 16.58 -17.69 14.90
C ALA A 153 15.70 -17.99 16.11
N ALA A 154 15.72 -19.23 16.59
CA ALA A 154 15.01 -19.58 17.81
C ALA A 154 15.46 -18.65 18.98
N ASP A 155 16.76 -18.35 19.07
CA ASP A 155 17.24 -17.40 20.12
C ASP A 155 16.72 -15.98 19.96
N ARG A 156 16.79 -15.47 18.74
CA ARG A 156 16.25 -14.13 18.50
C ARG A 156 14.75 -14.09 18.89
N LEU A 157 14.00 -15.14 18.57
CA LEU A 157 12.57 -15.21 18.93
C LEU A 157 12.39 -15.23 20.43
N ARG A 158 13.28 -15.92 21.14
CA ARG A 158 13.17 -16.01 22.60
C ARG A 158 13.33 -14.65 23.29
N ASP A 159 14.05 -13.71 22.68
CA ASP A 159 14.11 -12.35 23.25
C ASP A 159 12.73 -11.72 23.21
N VAL A 160 11.94 -12.07 22.19
CA VAL A 160 10.74 -11.26 21.86
C VAL A 160 9.43 -11.94 22.27
N THR A 161 9.53 -13.05 23.01
CA THR A 161 8.37 -13.79 23.54
C THR A 161 8.83 -14.70 24.66
N ASP A 162 7.95 -14.96 25.62
CA ASP A 162 8.21 -15.95 26.67
C ASP A 162 7.62 -17.30 26.33
N LEU A 163 6.91 -17.40 25.22
CA LEU A 163 6.35 -18.71 24.81
C LEU A 163 7.47 -19.67 24.43
N PRO A 164 7.19 -20.98 24.52
CA PRO A 164 8.11 -22.02 24.04
C PRO A 164 8.44 -21.90 22.56
N VAL A 165 9.72 -22.01 22.21
CA VAL A 165 10.25 -21.82 20.83
C VAL A 165 11.12 -23.02 20.39
N TYR A 166 10.78 -23.66 19.26
CA TYR A 166 11.46 -24.86 18.79
C TYR A 166 12.07 -24.64 17.43
N SER A 167 13.29 -25.08 17.20
CA SER A 167 13.90 -24.99 15.89
C SER A 167 13.43 -26.17 15.07
N ILE A 168 13.20 -25.95 13.79
CA ILE A 168 12.60 -26.99 12.98
C ILE A 168 13.51 -28.25 12.88
N ASP A 169 14.81 -28.06 12.81
CA ASP A 169 15.74 -29.19 12.69
C ASP A 169 15.64 -30.12 13.90
N SER A 170 15.58 -29.53 15.07
CA SER A 170 15.54 -30.32 16.28
C SER A 170 14.13 -30.97 16.44
N LEU A 171 13.05 -30.22 16.23
CA LEU A 171 11.73 -30.83 16.42
C LEU A 171 11.51 -31.86 15.32
N TRP A 172 12.12 -31.67 14.14
CA TRP A 172 11.94 -32.66 13.05
C TRP A 172 12.51 -34.07 13.39
N ALA A 173 13.48 -34.16 14.30
CA ALA A 173 14.02 -35.50 14.65
C ALA A 173 12.93 -36.33 15.30
N ASP A 174 12.11 -35.67 16.10
CA ASP A 174 10.95 -36.30 16.69
C ASP A 174 9.88 -36.67 15.70
N VAL A 175 9.65 -35.75 14.76
CA VAL A 175 8.65 -35.96 13.71
C VAL A 175 8.99 -37.21 12.93
N GLU A 176 10.26 -37.37 12.57
CA GLU A 176 10.69 -38.54 11.83
C GLU A 176 10.50 -39.83 12.66
N ARG A 177 10.79 -39.79 13.96
CA ARG A 177 10.52 -40.96 14.81
C ARG A 177 9.02 -41.27 14.74
N LEU A 178 8.19 -40.25 14.92
CA LEU A 178 6.75 -40.43 14.96
C LEU A 178 6.28 -40.96 13.60
N ARG A 179 6.88 -40.46 12.52
CA ARG A 179 6.51 -40.90 11.18
C ARG A 179 6.79 -42.38 11.04
N ASP A 180 7.97 -42.77 11.50
CA ASP A 180 8.40 -44.16 11.48
C ASP A 180 7.50 -45.05 12.30
N ALA A 181 7.00 -44.56 13.44
CA ALA A 181 6.07 -45.31 14.27
C ALA A 181 4.66 -45.30 13.71
N GLY A 182 4.44 -44.62 12.60
CA GLY A 182 3.09 -44.51 12.03
C GLY A 182 2.15 -43.61 12.80
N ALA A 183 2.67 -42.67 13.59
CA ALA A 183 1.83 -41.89 14.50
C ALA A 183 1.00 -40.83 13.79
N GLY A 184 -0.23 -40.63 14.29
CA GLY A 184 -1.03 -39.44 14.03
C GLY A 184 -2.06 -39.67 12.99
N ALA A 185 -2.14 -40.90 12.50
CA ALA A 185 -3.02 -41.26 11.43
C ALA A 185 -4.51 -41.05 11.73
N GLU A 186 -4.88 -40.98 13.00
CA GLU A 186 -6.28 -40.78 13.34
C GLU A 186 -6.67 -39.36 13.06
N ALA A 187 -7.96 -39.20 12.74
CA ALA A 187 -8.64 -37.96 12.61
C ALA A 187 -9.14 -37.51 13.94
N VAL A 188 -9.63 -36.28 13.97
CA VAL A 188 -10.14 -35.61 15.14
C VAL A 188 -11.21 -34.67 14.60
N GLU A 189 -12.08 -34.16 15.45
CA GLU A 189 -13.20 -33.35 14.99
C GLU A 189 -12.72 -31.97 14.62
N VAL A 190 -13.00 -31.58 13.38
CA VAL A 190 -12.64 -30.25 12.89
C VAL A 190 -13.81 -29.78 12.10
N SER A 191 -14.30 -28.61 12.44
CA SER A 191 -15.45 -28.07 11.76
C SER A 191 -14.97 -27.25 10.57
N PRO A 192 -15.74 -27.28 9.47
CA PRO A 192 -15.50 -26.38 8.34
C PRO A 192 -15.48 -24.91 8.75
N GLU A 193 -16.05 -24.56 9.91
CA GLU A 193 -16.06 -23.19 10.35
C GLU A 193 -14.88 -22.84 11.26
N ASP A 194 -14.10 -23.82 11.66
CA ASP A 194 -12.90 -23.59 12.45
C ASP A 194 -11.87 -22.83 11.64
N LEU A 195 -11.12 -21.97 12.35
CA LEU A 195 -10.06 -21.25 11.73
C LEU A 195 -8.95 -22.23 11.39
N ALA A 196 -8.45 -22.08 10.17
CA ALA A 196 -7.27 -22.81 9.71
C ALA A 196 -6.00 -21.94 9.75
N VAL A 197 -6.12 -20.67 9.42
CA VAL A 197 -4.95 -19.83 9.25
C VAL A 197 -5.27 -18.40 9.63
N LEU A 198 -4.29 -17.72 10.22
CA LEU A 198 -4.25 -16.25 10.29
C LEU A 198 -3.18 -15.73 9.36
N ILE A 199 -3.52 -14.75 8.52
CA ILE A 199 -2.59 -14.21 7.55
C ILE A 199 -2.38 -12.79 7.94
N TYR A 200 -1.19 -12.46 8.43
CA TYR A 200 -0.87 -11.09 8.80
C TYR A 200 -0.60 -10.29 7.51
N THR A 201 -1.24 -9.14 7.35
CA THR A 201 -1.03 -8.24 6.19
C THR A 201 -0.36 -6.91 6.61
N SER A 202 -0.22 -6.70 7.92
CA SER A 202 0.32 -5.45 8.46
C SER A 202 1.85 -5.36 8.32
N GLY A 203 2.35 -4.21 7.88
CA GLY A 203 3.78 -4.03 7.86
C GLY A 203 4.33 -3.64 9.23
N SER A 204 5.63 -3.41 9.26
CA SER A 204 6.33 -3.14 10.50
C SER A 204 5.99 -1.77 11.03
N THR A 205 5.55 -0.84 10.18
CA THR A 205 5.08 0.49 10.63
C THR A 205 3.61 0.57 11.01
N ALA A 206 2.95 -0.56 11.13
CA ALA A 206 1.51 -0.63 11.37
C ALA A 206 1.15 -1.46 12.57
N ALA A 207 -0.06 -1.26 13.07
CA ALA A 207 -0.63 -2.10 14.11
C ALA A 207 -0.80 -3.49 13.56
N PRO A 208 -0.64 -4.51 14.40
CA PRO A 208 -0.70 -5.88 13.90
C PRO A 208 -2.09 -6.15 13.42
N LYS A 209 -2.20 -6.91 12.33
CA LYS A 209 -3.50 -7.17 11.73
C LYS A 209 -3.42 -8.39 10.83
N ALA A 210 -4.27 -9.38 11.10
CA ALA A 210 -4.33 -10.61 10.35
C ALA A 210 -5.74 -10.90 9.93
N VAL A 211 -5.88 -11.50 8.76
CA VAL A 211 -7.19 -11.96 8.31
C VAL A 211 -7.36 -13.33 8.85
N ALA A 212 -8.58 -13.62 9.30
CA ALA A 212 -8.85 -14.85 10.02
C ALA A 212 -9.51 -15.76 9.07
N CYS A 213 -8.87 -16.90 8.76
CA CYS A 213 -9.32 -17.74 7.65
C CYS A 213 -9.82 -19.12 8.04
N PRO A 214 -11.15 -19.33 7.96
CA PRO A 214 -11.74 -20.66 8.23
C PRO A 214 -11.50 -21.67 7.12
N HIS A 215 -11.53 -22.96 7.47
CA HIS A 215 -11.35 -24.03 6.53
C HIS A 215 -12.20 -23.91 5.26
N GLN A 216 -13.52 -23.77 5.42
CA GLN A 216 -14.50 -23.75 4.28
C GLN A 216 -14.13 -22.75 3.19
N GLN A 217 -13.88 -21.51 3.62
CA GLN A 217 -13.50 -20.38 2.74
C GLN A 217 -12.23 -20.64 1.97
N ILE A 218 -11.23 -21.18 2.65
CA ILE A 218 -9.97 -21.46 2.03
C ILE A 218 -10.23 -22.49 0.94
N VAL A 219 -10.90 -23.59 1.29
CA VAL A 219 -11.09 -24.67 0.34
C VAL A 219 -11.90 -24.16 -0.84
N PHE A 220 -12.94 -23.40 -0.54
CA PHE A 220 -13.79 -22.87 -1.58
C PHE A 220 -12.99 -21.96 -2.53
N ALA A 221 -12.29 -21.00 -1.95
CA ALA A 221 -11.49 -20.07 -2.74
C ALA A 221 -10.48 -20.81 -3.65
N ALA A 222 -9.80 -21.83 -3.09
CA ALA A 222 -8.88 -22.60 -3.88
C ALA A 222 -9.62 -23.24 -5.09
N SER A 223 -10.80 -23.80 -4.85
CA SER A 223 -11.57 -24.49 -5.89
C SER A 223 -12.11 -23.52 -6.97
N SER A 224 -12.52 -22.32 -6.52
CA SER A 224 -13.04 -21.28 -7.40
C SER A 224 -11.90 -20.70 -8.26
N ILE A 225 -10.76 -20.39 -7.66
CA ILE A 225 -9.61 -19.94 -8.45
C ILE A 225 -9.30 -20.97 -9.49
N ASN A 226 -9.24 -22.23 -9.05
CA ASN A 226 -8.83 -23.29 -9.96
C ASN A 226 -9.84 -23.53 -11.07
N ALA A 227 -11.11 -23.34 -10.80
CA ALA A 227 -12.11 -23.45 -11.89
C ALA A 227 -11.81 -22.44 -13.02
N VAL A 228 -11.11 -21.34 -12.75
CA VAL A 228 -10.73 -20.46 -13.82
C VAL A 228 -9.34 -20.80 -14.42
N LEU A 229 -8.37 -21.19 -13.59
CA LEU A 229 -6.98 -21.25 -14.06
C LEU A 229 -6.67 -22.61 -14.64
N GLY A 230 -7.34 -23.64 -14.15
CA GLY A 230 -7.20 -24.97 -14.75
C GLY A 230 -5.93 -25.72 -14.43
N TYR A 231 -5.50 -25.69 -13.18
CA TYR A 231 -4.33 -26.46 -12.79
C TYR A 231 -4.68 -27.94 -12.90
N HIS A 232 -3.75 -28.78 -13.31
CA HIS A 232 -4.04 -30.19 -13.25
C HIS A 232 -2.83 -30.99 -12.82
N ALA A 233 -2.96 -32.31 -12.86
CA ALA A 233 -2.04 -33.21 -12.12
C ALA A 233 -0.65 -33.33 -12.72
N GLU A 234 -0.51 -33.02 -13.99
CA GLU A 234 0.78 -32.91 -14.62
C GLU A 234 1.34 -31.51 -14.65
N ASP A 235 0.69 -30.51 -14.03
CA ASP A 235 1.35 -29.22 -13.84
C ASP A 235 2.53 -29.28 -12.84
N ILE A 236 3.52 -28.42 -13.05
CA ILE A 236 4.62 -28.27 -12.13
C ILE A 236 4.60 -26.77 -11.82
N VAL A 237 4.29 -26.41 -10.57
CA VAL A 237 4.02 -25.04 -10.18
C VAL A 237 5.31 -24.48 -9.56
N PHE A 238 5.85 -23.42 -10.14
CA PHE A 238 7.06 -22.87 -9.66
C PHE A 238 6.77 -21.64 -8.80
N CYS A 239 6.97 -21.78 -7.50
CA CYS A 239 6.45 -20.79 -6.59
C CYS A 239 7.60 -20.12 -5.85
N ARG A 240 7.78 -18.86 -6.15
CA ARG A 240 8.80 -18.10 -5.50
C ARG A 240 8.24 -17.26 -4.34
N MET A 241 6.94 -17.34 -4.06
CA MET A 241 6.29 -16.57 -2.99
C MET A 241 6.27 -17.34 -1.71
N SER A 242 6.53 -16.64 -0.61
CA SER A 242 6.51 -17.29 0.70
C SER A 242 5.09 -17.76 0.98
N VAL A 243 4.95 -18.89 1.69
CA VAL A 243 3.64 -19.32 2.20
C VAL A 243 3.09 -18.42 3.31
N SER A 244 3.88 -17.49 3.83
CA SER A 244 3.33 -16.48 4.71
C SER A 244 2.40 -15.47 3.99
N TRP A 245 2.49 -15.42 2.67
CA TRP A 245 1.63 -14.59 1.83
C TRP A 245 0.58 -15.59 1.29
N ASP A 246 -0.67 -15.18 1.15
CA ASP A 246 -1.67 -16.11 0.59
C ASP A 246 -1.38 -16.51 -0.86
N PHE A 247 -0.49 -15.77 -1.52
CA PHE A 247 -0.10 -16.13 -2.89
C PHE A 247 0.59 -17.47 -2.84
N GLY A 248 1.58 -17.63 -1.97
CA GLY A 248 2.18 -18.97 -1.82
C GLY A 248 1.30 -20.05 -1.18
N LEU A 249 0.52 -19.66 -0.19
CA LEU A 249 -0.27 -20.65 0.53
C LEU A 249 -1.21 -21.32 -0.43
N TYR A 250 -1.79 -20.53 -1.30
CA TYR A 250 -2.76 -21.08 -2.24
C TYR A 250 -2.17 -21.86 -3.39
N LYS A 251 -0.87 -21.68 -3.66
CA LYS A 251 -0.17 -22.60 -4.56
C LYS A 251 0.06 -23.99 -3.88
N VAL A 252 0.28 -23.99 -2.56
CA VAL A 252 0.24 -25.24 -1.80
C VAL A 252 -1.11 -25.90 -1.95
N LEU A 253 -2.17 -25.13 -1.68
CA LEU A 253 -3.54 -25.69 -1.72
C LEU A 253 -4.01 -26.12 -3.10
N ILE A 254 -3.74 -25.28 -4.10
CA ILE A 254 -4.24 -25.58 -5.46
C ILE A 254 -3.45 -26.76 -5.97
N SER A 255 -2.14 -26.82 -5.72
CA SER A 255 -1.41 -28.00 -6.17
C SER A 255 -1.93 -29.22 -5.51
N THR A 256 -2.14 -29.15 -4.19
CA THR A 256 -2.66 -30.32 -3.46
C THR A 256 -4.03 -30.72 -4.02
N LEU A 257 -4.92 -29.74 -4.20
CA LEU A 257 -6.27 -30.00 -4.75
C LEU A 257 -6.24 -30.83 -6.04
N THR A 258 -5.32 -30.49 -6.95
CA THR A 258 -5.27 -31.08 -8.28
C THR A 258 -4.24 -32.20 -8.42
N GLY A 259 -3.41 -32.47 -7.41
CA GLY A 259 -2.39 -33.50 -7.56
C GLY A 259 -1.14 -33.07 -8.32
N ALA A 260 -0.97 -31.76 -8.50
CA ALA A 260 0.17 -31.23 -9.25
C ALA A 260 1.37 -31.28 -8.39
N LYS A 261 2.51 -30.91 -8.97
CA LYS A 261 3.75 -30.83 -8.22
C LYS A 261 4.11 -29.37 -7.95
N LEU A 262 4.37 -29.04 -6.70
CA LEU A 262 4.82 -27.71 -6.30
C LEU A 262 6.33 -27.65 -6.09
N VAL A 263 6.95 -26.65 -6.70
CA VAL A 263 8.38 -26.42 -6.56
C VAL A 263 8.46 -25.19 -5.71
N LEU A 264 9.00 -25.38 -4.52
CA LEU A 264 9.19 -24.30 -3.57
C LEU A 264 10.56 -23.71 -3.87
N ALA A 265 10.59 -22.55 -4.48
CA ALA A 265 11.81 -21.85 -4.85
C ALA A 265 12.10 -20.74 -3.85
N ASP A 270 18.83 -16.89 -8.19
CA ASP A 270 18.09 -15.67 -8.56
C ASP A 270 18.42 -15.20 -9.98
N ILE A 271 19.70 -14.95 -10.24
CA ILE A 271 20.19 -14.93 -11.61
C ILE A 271 19.87 -16.27 -12.30
N ALA A 272 19.86 -17.35 -11.52
CA ALA A 272 19.62 -18.72 -11.99
C ALA A 272 18.18 -19.03 -12.38
N LEU A 273 17.31 -18.02 -12.33
CA LEU A 273 15.89 -18.23 -12.33
C LEU A 273 15.41 -19.00 -13.56
N VAL A 274 15.91 -18.60 -14.74
CA VAL A 274 15.51 -19.17 -16.00
C VAL A 274 15.88 -20.65 -16.08
N LYS A 275 17.09 -20.94 -15.60
CA LYS A 275 17.57 -22.30 -15.50
C LYS A 275 16.75 -23.15 -14.53
N SER A 276 16.45 -22.58 -13.36
CA SER A 276 15.56 -23.27 -12.40
C SER A 276 14.24 -23.63 -13.07
N LEU A 277 13.67 -22.69 -13.83
CA LEU A 277 12.41 -22.87 -14.45
C LEU A 277 12.46 -24.00 -15.46
N ARG A 278 13.38 -23.88 -16.41
CA ARG A 278 13.53 -24.91 -17.44
C ARG A 278 13.91 -26.28 -16.78
N GLU A 279 14.85 -26.28 -15.86
CA GLU A 279 15.24 -27.55 -15.24
C GLU A 279 14.19 -28.19 -14.33
N SER A 280 13.30 -27.40 -13.72
CA SER A 280 12.17 -28.01 -12.99
C SER A 280 11.06 -28.47 -13.93
N GLY A 281 11.09 -28.00 -15.17
CA GLY A 281 10.02 -28.28 -16.14
C GLY A 281 8.77 -27.52 -15.78
N ALA A 282 8.91 -26.35 -15.15
CA ALA A 282 7.78 -25.60 -14.61
C ALA A 282 6.77 -25.34 -15.70
N THR A 283 5.48 -25.56 -15.39
CA THR A 283 4.45 -25.23 -16.29
C THR A 283 3.60 -24.00 -15.87
N MET A 284 3.56 -23.71 -14.56
CA MET A 284 2.73 -22.63 -14.04
C MET A 284 3.55 -21.80 -13.12
N MET A 285 3.43 -20.49 -13.23
CA MET A 285 4.22 -19.63 -12.38
C MET A 285 3.43 -18.43 -11.96
N PRO A 286 3.17 -18.33 -10.68
CA PRO A 286 2.57 -17.11 -10.15
C PRO A 286 3.66 -16.01 -10.15
N ILE A 287 3.23 -14.82 -10.53
CA ILE A 287 4.09 -13.72 -10.63
C ILE A 287 3.49 -12.55 -9.93
N VAL A 288 4.39 -11.63 -9.71
CA VAL A 288 4.06 -10.26 -9.32
C VAL A 288 4.84 -9.37 -10.29
N PRO A 289 4.41 -8.12 -10.50
CA PRO A 289 5.09 -7.36 -11.58
C PRO A 289 6.65 -7.25 -11.50
N SER A 290 7.21 -7.11 -10.29
CA SER A 290 8.66 -6.96 -10.18
C SER A 290 9.37 -8.27 -10.55
N LEU A 291 8.76 -9.37 -10.16
CA LEU A 291 9.28 -10.69 -10.45
C LEU A 291 9.18 -11.01 -11.96
N ALA A 292 8.12 -10.53 -12.61
CA ALA A 292 7.99 -10.66 -14.07
C ALA A 292 9.08 -9.88 -14.84
N SER A 293 9.31 -8.62 -14.46
CA SER A 293 10.38 -7.79 -15.11
C SER A 293 11.72 -8.44 -15.02
N MET A 294 12.04 -8.91 -13.82
CA MET A 294 13.29 -9.62 -13.59
C MET A 294 13.39 -10.81 -14.55
N LEU A 295 12.30 -11.54 -14.72
CA LEU A 295 12.32 -12.72 -15.54
C LEU A 295 12.54 -12.37 -17.02
N THR A 296 11.90 -11.31 -17.52
CA THR A 296 12.09 -10.89 -18.89
C THR A 296 13.50 -10.33 -19.17
N THR A 297 14.05 -9.55 -18.24
CA THR A 297 15.49 -9.18 -18.26
C THR A 297 16.37 -10.43 -18.29
N LEU A 298 16.20 -11.32 -17.34
CA LEU A 298 17.01 -12.53 -17.35
C LEU A 298 16.85 -13.36 -18.60
N ILE A 299 15.67 -13.36 -19.22
CA ILE A 299 15.42 -14.30 -20.33
C ILE A 299 16.15 -13.96 -21.65
N ARG A 300 16.41 -12.69 -21.90
CA ARG A 300 17.17 -12.24 -23.08
C ARG A 300 18.57 -12.82 -23.10
N ARG A 301 19.10 -13.09 -21.92
CA ARG A 301 20.44 -13.65 -21.75
C ARG A 301 20.44 -15.20 -21.84
N ASP A 302 19.34 -15.83 -22.27
CA ASP A 302 19.25 -17.30 -22.33
C ASP A 302 18.28 -17.76 -23.45
N PRO A 303 18.82 -18.07 -24.65
CA PRO A 303 17.90 -18.38 -25.75
C PRO A 303 17.29 -19.81 -25.68
N GLU A 304 17.59 -20.58 -24.62
CA GLU A 304 16.98 -21.91 -24.43
C GLU A 304 15.63 -21.76 -23.80
N GLY A 305 15.39 -20.58 -23.22
CA GLY A 305 14.10 -20.23 -22.61
C GLY A 305 13.67 -21.18 -21.51
N ALA A 306 12.35 -21.32 -21.41
CA ALA A 306 11.73 -22.27 -20.50
C ALA A 306 10.42 -22.61 -21.16
N PRO A 307 10.50 -23.41 -22.22
CA PRO A 307 9.35 -23.70 -23.05
C PRO A 307 8.24 -24.49 -22.40
N THR A 308 8.51 -25.12 -21.26
CA THR A 308 7.45 -25.81 -20.58
C THR A 308 6.44 -24.86 -19.97
N LEU A 309 6.81 -23.62 -19.69
CA LEU A 309 5.87 -22.62 -19.13
C LEU A 309 4.63 -22.37 -19.99
N ARG A 310 3.44 -22.63 -19.39
CA ARG A 310 2.18 -22.42 -20.06
C ARG A 310 1.32 -21.27 -19.46
N MET A 311 1.67 -20.80 -18.27
CA MET A 311 0.87 -19.74 -17.66
C MET A 311 1.62 -18.96 -16.61
N PHE A 312 1.40 -17.67 -16.65
CA PHE A 312 1.84 -16.79 -15.63
C PHE A 312 0.54 -16.17 -15.06
N THR A 313 0.41 -16.12 -13.73
CA THR A 313 -0.77 -15.57 -13.09
C THR A 313 -0.34 -14.46 -12.17
N ASN A 314 -0.83 -13.25 -12.47
CA ASN A 314 -0.39 -12.06 -11.81
C ASN A 314 -1.47 -11.46 -10.92
N SER A 315 -1.08 -11.16 -9.68
CA SER A 315 -1.92 -10.39 -8.84
C SER A 315 -1.05 -9.48 -8.00
N ALA A 316 -1.68 -8.87 -7.01
CA ALA A 316 -1.01 -8.03 -6.02
C ALA A 316 -0.79 -6.63 -6.57
N ALA A 317 -0.48 -6.49 -7.86
CA ALA A 317 -0.24 -5.15 -8.44
C ALA A 317 -0.41 -5.19 -9.93
N ALA A 318 -0.50 -4.02 -10.54
CA ALA A 318 -0.91 -3.89 -11.92
C ALA A 318 0.27 -4.33 -12.82
N LEU A 319 0.00 -5.19 -13.79
CA LEU A 319 1.05 -5.67 -14.69
C LEU A 319 1.08 -4.75 -15.91
N PRO A 320 2.20 -4.02 -16.14
CA PRO A 320 2.18 -3.10 -17.28
C PRO A 320 2.27 -3.81 -18.61
N GLN A 321 1.65 -3.21 -19.63
CA GLN A 321 1.62 -3.79 -20.96
C GLN A 321 3.02 -4.21 -21.45
N VAL A 322 4.04 -3.41 -21.14
CA VAL A 322 5.37 -3.64 -21.70
C VAL A 322 5.89 -4.97 -21.11
N THR A 323 5.49 -5.27 -19.88
CA THR A 323 5.92 -6.49 -19.28
C THR A 323 5.19 -7.62 -19.86
N ILE A 324 3.90 -7.42 -20.08
CA ILE A 324 3.08 -8.47 -20.65
C ILE A 324 3.70 -8.85 -22.01
N ASP A 325 3.99 -7.85 -22.83
CA ASP A 325 4.48 -8.08 -24.21
C ASP A 325 5.76 -8.89 -24.19
N ALA A 326 6.65 -8.53 -23.25
CA ALA A 326 7.97 -9.17 -23.11
C ALA A 326 7.88 -10.60 -22.62
N LEU A 327 6.90 -10.88 -21.76
CA LEU A 327 6.64 -12.25 -21.32
C LEU A 327 6.12 -13.07 -22.51
N ARG A 328 5.18 -12.51 -23.27
CA ARG A 328 4.65 -13.26 -24.42
C ARG A 328 5.70 -13.55 -25.46
N SER A 329 6.54 -12.56 -25.74
CA SER A 329 7.66 -12.73 -26.64
C SER A 329 8.66 -13.80 -26.16
N ALA A 330 9.10 -13.72 -24.90
CA ALA A 330 9.97 -14.76 -24.37
C ALA A 330 9.27 -16.10 -24.25
N PHE A 331 7.98 -16.12 -23.92
CA PHE A 331 7.27 -17.39 -23.78
C PHE A 331 5.95 -17.37 -24.58
N PRO A 332 6.03 -17.52 -25.90
CA PRO A 332 4.81 -17.48 -26.74
C PRO A 332 3.85 -18.62 -26.44
N GLY A 333 4.32 -19.68 -25.82
CA GLY A 333 3.40 -20.72 -25.36
C GLY A 333 2.59 -20.44 -24.12
N ALA A 334 2.81 -19.30 -23.50
CA ALA A 334 2.24 -19.15 -22.17
C ALA A 334 1.18 -18.11 -22.20
N GLN A 335 0.14 -18.29 -21.38
CA GLN A 335 -0.89 -17.29 -21.16
C GLN A 335 -0.53 -16.40 -20.02
N VAL A 336 -0.76 -15.09 -20.15
CA VAL A 336 -0.48 -14.13 -19.11
C VAL A 336 -1.80 -13.63 -18.56
N VAL A 337 -2.05 -13.93 -17.31
CA VAL A 337 -3.39 -13.89 -16.74
C VAL A 337 -3.42 -12.84 -15.62
N ARG A 338 -4.28 -11.85 -15.78
CA ARG A 338 -4.41 -10.80 -14.83
C ARG A 338 -5.44 -11.21 -13.78
N MET A 339 -5.18 -10.85 -12.53
CA MET A 339 -6.05 -11.13 -11.40
C MET A 339 -5.99 -9.97 -10.44
N TYR A 340 -6.96 -9.89 -9.54
CA TYR A 340 -6.97 -8.86 -8.53
C TYR A 340 -7.57 -9.48 -7.27
N GLY A 341 -6.99 -9.16 -6.12
CA GLY A 341 -7.54 -9.68 -4.89
C GLY A 341 -7.08 -8.92 -3.68
N GLN A 342 -7.73 -9.26 -2.56
CA GLN A 342 -7.25 -8.89 -1.24
C GLN A 342 -7.24 -10.10 -0.38
N THR A 343 -6.42 -10.06 0.67
CA THR A 343 -6.29 -11.21 1.53
C THR A 343 -7.63 -11.44 2.24
N GLU A 344 -8.37 -10.36 2.45
CA GLU A 344 -9.70 -10.38 3.11
C GLU A 344 -10.68 -11.39 2.50
N CYS A 345 -10.54 -11.71 1.21
CA CYS A 345 -11.35 -12.76 0.59
C CYS A 345 -10.53 -13.62 -0.36
N LYS A 346 -9.20 -13.67 -0.11
CA LYS A 346 -8.20 -14.29 -0.99
C LYS A 346 -8.06 -13.62 -2.34
N ARG A 347 -9.09 -13.73 -3.16
CA ARG A 347 -9.05 -13.16 -4.50
C ARG A 347 -10.43 -12.72 -4.94
N ILE A 348 -10.50 -11.71 -5.82
CA ILE A 348 -11.74 -11.07 -6.15
C ILE A 348 -12.14 -11.31 -7.61
N SER A 349 -11.20 -11.11 -8.52
CA SER A 349 -11.46 -11.31 -9.95
C SER A 349 -10.26 -11.96 -10.62
N ILE A 350 -10.56 -12.77 -11.64
CA ILE A 350 -9.59 -13.35 -12.59
C ILE A 350 -10.08 -13.09 -14.01
N MET A 351 -9.16 -12.66 -14.90
CA MET A 351 -9.43 -12.60 -16.35
C MET A 351 -9.28 -14.00 -16.88
N PRO A 352 -10.32 -14.53 -17.48
CA PRO A 352 -10.10 -15.87 -18.00
C PRO A 352 -8.91 -15.94 -18.93
N PRO A 353 -8.10 -16.97 -18.78
CA PRO A 353 -6.93 -17.17 -19.62
C PRO A 353 -7.21 -16.95 -21.13
N HIS A 354 -8.32 -17.50 -21.63
CA HIS A 354 -8.60 -17.47 -23.05
C HIS A 354 -8.92 -16.07 -23.49
N LEU A 355 -9.22 -15.17 -22.55
CA LEU A 355 -9.48 -13.76 -22.86
C LEU A 355 -8.35 -12.83 -22.55
N GLU A 356 -7.15 -13.39 -22.39
CA GLU A 356 -5.92 -12.62 -21.96
C GLU A 356 -5.61 -11.37 -22.83
N HIS A 357 -5.92 -11.44 -24.13
CA HIS A 357 -5.73 -10.30 -25.06
C HIS A 357 -6.84 -9.26 -25.06
N GLU A 358 -7.89 -9.40 -24.26
CA GLU A 358 -9.05 -8.46 -24.38
C GLU A 358 -9.24 -7.64 -23.15
N ARG A 359 -10.04 -6.58 -23.30
CA ARG A 359 -10.35 -5.66 -22.23
C ARG A 359 -9.14 -5.34 -21.36
N PRO A 360 -8.07 -4.86 -22.01
CA PRO A 360 -6.78 -4.59 -21.37
C PRO A 360 -6.87 -3.78 -20.07
N ASP A 361 -7.88 -2.98 -19.86
CA ASP A 361 -7.93 -2.31 -18.56
C ASP A 361 -8.59 -3.11 -17.42
N SER A 362 -9.07 -4.31 -17.68
CA SER A 362 -9.88 -5.01 -16.67
C SER A 362 -9.01 -5.95 -15.87
N VAL A 363 -9.39 -6.16 -14.64
CA VAL A 363 -8.83 -7.24 -13.82
C VAL A 363 -9.75 -8.49 -13.81
N GLY A 364 -10.66 -8.53 -14.78
CA GLY A 364 -11.36 -9.78 -15.13
C GLY A 364 -12.74 -9.89 -14.53
N LEU A 365 -13.20 -11.13 -14.38
CA LEU A 365 -14.52 -11.43 -13.84
C LEU A 365 -14.50 -11.90 -12.38
N PRO A 366 -15.63 -11.80 -11.67
CA PRO A 366 -15.68 -12.40 -10.36
C PRO A 366 -15.27 -13.86 -10.31
N LEU A 367 -14.71 -14.29 -9.19
CA LEU A 367 -14.47 -15.68 -8.99
C LEU A 367 -15.83 -16.38 -9.17
N PRO A 368 -15.87 -17.54 -9.86
CA PRO A 368 -17.08 -18.35 -9.90
C PRO A 368 -17.65 -18.63 -8.51
N GLY A 369 -18.97 -18.50 -8.39
CA GLY A 369 -19.64 -18.62 -7.11
C GLY A 369 -19.58 -17.38 -6.22
N THR A 370 -19.17 -16.23 -6.75
CA THR A 370 -19.09 -15.04 -5.93
C THR A 370 -19.71 -13.87 -6.68
N THR A 371 -19.94 -12.76 -6.01
CA THR A 371 -20.49 -11.56 -6.64
C THR A 371 -19.67 -10.35 -6.32
N ILE A 372 -19.49 -9.52 -7.32
CA ILE A 372 -19.01 -8.18 -7.14
C ILE A 372 -20.12 -7.19 -7.42
N GLU A 373 -20.32 -6.23 -6.50
CA GLU A 373 -21.11 -5.05 -6.85
C GLU A 373 -20.50 -3.75 -6.38
N ILE A 374 -20.93 -2.73 -7.10
CA ILE A 374 -20.44 -1.38 -7.01
C ILE A 374 -21.54 -0.54 -6.27
N LEU A 375 -21.09 0.25 -5.29
CA LEU A 375 -21.94 1.01 -4.36
C LEU A 375 -21.47 2.47 -4.19
N THR A 380 -25.89 1.34 -1.97
CA THR A 380 -26.80 1.48 -3.11
C THR A 380 -26.18 0.95 -4.37
N LEU A 381 -26.64 -0.22 -4.82
CA LEU A 381 -26.19 -0.82 -6.08
C LEU A 381 -26.20 0.19 -7.24
N LEU A 382 -25.05 0.48 -7.83
CA LEU A 382 -24.97 1.38 -8.97
C LEU A 382 -25.19 0.55 -10.20
N PRO A 383 -25.68 1.17 -11.29
CA PRO A 383 -25.78 0.47 -12.58
C PRO A 383 -24.40 0.39 -13.27
N PRO A 384 -24.27 -0.46 -14.32
CA PRO A 384 -23.03 -0.67 -15.06
C PRO A 384 -22.45 0.63 -15.52
N GLY A 385 -21.13 0.70 -15.66
CA GLY A 385 -20.42 1.91 -16.07
C GLY A 385 -20.23 2.96 -14.99
N GLU A 386 -20.93 2.82 -13.87
CA GLU A 386 -20.86 3.83 -12.81
C GLU A 386 -19.77 3.45 -11.78
N PRO A 387 -18.72 4.30 -11.65
CA PRO A 387 -17.68 4.09 -10.60
C PRO A 387 -18.27 4.18 -9.19
N GLY A 388 -17.79 3.33 -8.32
CA GLY A 388 -18.21 3.23 -6.91
C GLY A 388 -17.21 2.32 -6.15
N GLU A 389 -17.50 2.02 -4.88
CA GLU A 389 -16.64 1.13 -4.12
C GLU A 389 -16.87 -0.33 -4.53
N ILE A 390 -15.76 -1.04 -4.74
CA ILE A 390 -15.82 -2.43 -5.11
C ILE A 390 -16.13 -3.19 -3.84
N THR A 391 -17.18 -4.00 -3.92
CA THR A 391 -17.65 -4.78 -2.78
C THR A 391 -17.88 -6.16 -3.28
N VAL A 392 -17.78 -7.09 -2.38
CA VAL A 392 -17.64 -8.47 -2.74
C VAL A 392 -18.48 -9.28 -1.79
N THR A 393 -19.19 -10.24 -2.34
CA THR A 393 -19.99 -11.13 -1.55
C THR A 393 -19.69 -12.56 -1.98
N GLY A 394 -19.61 -13.51 -1.04
CA GLY A 394 -19.49 -14.93 -1.40
C GLY A 394 -18.81 -15.80 -0.35
N PRO A 395 -18.67 -17.09 -0.63
CA PRO A 395 -18.10 -18.11 0.28
C PRO A 395 -16.59 -18.05 0.43
N HIS A 396 -15.97 -17.08 -0.23
CA HIS A 396 -14.55 -16.77 -0.05
C HIS A 396 -14.28 -15.63 0.96
N VAL A 397 -15.31 -14.86 1.31
CA VAL A 397 -15.14 -13.73 2.19
C VAL A 397 -14.79 -14.30 3.56
N MET A 398 -13.63 -13.91 4.09
CA MET A 398 -13.05 -14.58 5.24
C MET A 398 -13.75 -14.09 6.51
N ALA A 399 -13.38 -14.62 7.67
CA ALA A 399 -14.13 -14.35 8.90
C ALA A 399 -13.79 -13.04 9.59
N GLY A 400 -13.20 -12.06 8.93
CA GLY A 400 -12.83 -10.82 9.62
C GLY A 400 -11.36 -10.83 10.01
N TYR A 401 -10.94 -9.77 10.72
CA TYR A 401 -9.56 -9.64 11.15
C TYR A 401 -9.53 -10.21 12.54
N TRP A 402 -8.45 -10.90 12.91
CA TRP A 402 -8.32 -11.58 14.19
C TRP A 402 -8.30 -10.62 15.39
N ARG A 403 -9.24 -10.81 16.31
CA ARG A 403 -9.32 -10.00 17.53
C ARG A 403 -9.25 -8.52 17.23
N ALA A 404 -10.04 -8.10 16.24
CA ALA A 404 -10.13 -6.68 15.97
C ALA A 404 -11.50 -6.31 15.47
N PRO A 405 -12.50 -6.37 16.37
CA PRO A 405 -13.91 -6.06 16.02
C PRO A 405 -14.06 -4.71 15.32
N GLU A 406 -13.30 -3.71 15.76
CA GLU A 406 -13.37 -2.34 15.20
C GLU A 406 -12.91 -2.20 13.74
N ILE A 407 -11.75 -2.76 13.43
CA ILE A 407 -11.28 -2.75 12.05
C ILE A 407 -12.20 -3.63 11.19
N THR A 408 -12.64 -4.77 11.74
CA THR A 408 -13.46 -5.72 11.02
C THR A 408 -14.73 -5.04 10.58
N ALA A 409 -15.38 -4.41 11.56
CA ALA A 409 -16.62 -3.65 11.34
C ALA A 409 -16.65 -2.75 10.12
N ARG A 410 -15.56 -2.04 9.82
CA ARG A 410 -15.55 -1.13 8.68
C ARG A 410 -15.37 -1.82 7.32
N ALA A 411 -14.63 -2.93 7.28
CA ALA A 411 -14.37 -3.66 6.03
C ALA A 411 -15.45 -4.70 5.75
N TYR A 412 -15.90 -5.39 6.79
CA TYR A 412 -16.89 -6.46 6.60
C TYR A 412 -18.37 -6.06 6.79
N MET A 421 -20.79 -10.19 6.11
CA MET A 421 -21.04 -10.92 4.87
C MET A 421 -20.84 -10.08 3.58
N ARG A 422 -20.64 -8.76 3.62
CA ARG A 422 -20.15 -8.04 2.45
C ARG A 422 -18.79 -7.40 2.74
N LEU A 423 -17.81 -7.66 1.88
CA LEU A 423 -16.47 -7.08 2.03
C LEU A 423 -16.43 -5.81 1.27
N HIS A 424 -16.06 -4.72 1.96
CA HIS A 424 -15.87 -3.41 1.32
C HIS A 424 -14.39 -3.25 1.18
N THR A 425 -13.93 -3.18 -0.05
CA THR A 425 -12.52 -3.25 -0.32
C THR A 425 -11.78 -1.95 -0.13
N GLY A 426 -12.52 -0.83 -0.16
CA GLY A 426 -11.94 0.47 -0.32
C GLY A 426 -11.25 0.69 -1.65
N ASP A 427 -11.41 -0.19 -2.65
CA ASP A 427 -10.96 0.15 -4.00
C ASP A 427 -12.14 0.71 -4.72
N TYR A 428 -11.91 1.54 -5.73
CA TYR A 428 -13.02 2.10 -6.46
C TYR A 428 -12.94 1.72 -7.93
N GLY A 429 -14.09 1.47 -8.53
CA GLY A 429 -14.12 1.14 -9.94
C GLY A 429 -15.53 0.87 -10.42
N HIS A 430 -15.61 0.24 -11.57
CA HIS A 430 -16.91 -0.04 -12.15
C HIS A 430 -16.93 -1.41 -12.85
N LEU A 431 -18.13 -1.95 -13.00
CA LEU A 431 -18.36 -3.09 -13.88
C LEU A 431 -18.79 -2.60 -15.23
N ASP A 432 -18.31 -3.20 -16.31
CA ASP A 432 -18.98 -3.00 -17.62
C ASP A 432 -20.23 -3.86 -17.72
N GLU A 433 -20.89 -3.80 -18.88
CA GLU A 433 -22.17 -4.53 -19.15
C GLU A 433 -22.07 -6.04 -18.91
N ASP A 434 -20.89 -6.59 -19.23
CA ASP A 434 -20.66 -8.02 -19.24
C ASP A 434 -20.28 -8.58 -17.87
N GLY A 435 -20.00 -7.69 -16.94
CA GLY A 435 -19.60 -8.13 -15.59
C GLY A 435 -18.12 -8.00 -15.28
N PHE A 436 -17.34 -7.50 -16.22
CA PHE A 436 -15.93 -7.33 -16.07
C PHE A 436 -15.62 -6.16 -15.15
N LEU A 437 -14.52 -6.24 -14.41
CA LEU A 437 -14.18 -5.25 -13.40
C LEU A 437 -13.01 -4.39 -13.89
N TYR A 438 -13.12 -3.09 -13.58
CA TYR A 438 -12.12 -2.05 -13.88
C TYR A 438 -11.91 -1.15 -12.67
N PHE A 439 -10.69 -0.70 -12.46
CA PHE A 439 -10.40 0.41 -11.49
C PHE A 439 -10.75 1.82 -12.02
N GLY A 440 -11.14 2.75 -11.15
CA GLY A 440 -11.43 4.13 -11.60
C GLY A 440 -12.66 4.20 -12.51
N GLY A 441 -12.57 4.93 -13.64
CA GLY A 441 -13.73 5.20 -14.53
C GLY A 441 -13.49 5.08 -16.02
N ASP B 40 0.07 -0.33 -1.22
CA ASP B 40 -0.21 1.09 -0.87
C ASP B 40 0.75 2.09 -1.47
N LEU B 41 2.05 1.78 -1.49
CA LEU B 41 3.04 2.74 -1.96
C LEU B 41 2.92 2.97 -3.46
N ARG B 42 2.95 4.24 -3.87
CA ARG B 42 2.86 4.66 -5.26
C ARG B 42 4.21 5.10 -5.79
N TYR B 43 4.67 4.39 -6.83
CA TYR B 43 5.90 4.72 -7.54
C TYR B 43 5.58 5.27 -8.91
N GLY B 44 6.38 6.21 -9.41
CA GLY B 44 6.18 6.69 -10.78
C GLY B 44 5.00 7.58 -10.97
N GLY B 45 4.38 8.04 -9.88
CA GLY B 45 3.08 8.74 -10.03
C GLY B 45 3.18 10.18 -10.49
N LEU B 46 2.06 10.66 -10.98
CA LEU B 46 1.81 12.05 -11.30
C LEU B 46 0.82 12.66 -10.31
N VAL B 47 1.15 13.83 -9.77
CA VAL B 47 0.31 14.51 -8.79
C VAL B 47 -1.16 14.64 -9.21
N HIS B 48 -1.39 15.19 -10.39
CA HIS B 48 -2.76 15.46 -10.86
C HIS B 48 -3.57 14.20 -11.13
N ASP B 49 -2.92 13.05 -11.29
CA ASP B 49 -3.60 11.80 -11.33
C ASP B 49 -4.31 11.42 -10.05
N LEU B 50 -3.84 11.92 -8.90
CA LEU B 50 -4.58 11.70 -7.65
C LEU B 50 -5.96 12.29 -7.76
N LEU B 51 -6.02 13.48 -8.33
CA LEU B 51 -7.26 14.23 -8.47
C LEU B 51 -8.16 13.60 -9.52
N ALA B 52 -7.57 13.20 -10.63
CA ALA B 52 -8.35 12.57 -11.72
C ALA B 52 -8.99 11.30 -11.16
N ASP B 53 -8.25 10.54 -10.36
CA ASP B 53 -8.81 9.33 -9.81
C ASP B 53 -9.95 9.60 -8.88
N SER B 54 -9.76 10.50 -7.92
CA SER B 54 -10.84 10.78 -6.96
C SER B 54 -12.01 11.51 -7.63
N GLY B 55 -11.70 12.37 -8.60
CA GLY B 55 -12.75 13.05 -9.37
C GLY B 55 -13.70 12.11 -10.08
N LYS B 56 -13.18 10.99 -10.58
CA LYS B 56 -13.98 9.91 -11.15
C LYS B 56 -14.51 8.92 -10.13
N ALA B 57 -13.74 8.62 -9.10
CA ALA B 57 -14.13 7.58 -8.14
C ALA B 57 -15.26 8.04 -7.26
N THR B 58 -15.12 9.28 -6.75
CA THR B 58 -16.12 9.85 -5.83
C THR B 58 -16.49 11.32 -6.19
N PRO B 59 -16.98 11.57 -7.40
CA PRO B 59 -17.18 12.93 -7.87
C PRO B 59 -18.05 13.82 -6.97
N ASN B 60 -19.02 13.20 -6.31
CA ASN B 60 -19.96 13.95 -5.48
C ASN B 60 -19.58 14.08 -4.01
N SER B 61 -18.49 13.46 -3.55
CA SER B 61 -18.03 13.71 -2.17
C SER B 61 -17.32 15.05 -2.05
N ASP B 62 -17.44 15.62 -0.86
CA ASP B 62 -16.86 16.91 -0.50
C ASP B 62 -15.34 16.82 -0.41
N ALA B 63 -14.65 17.68 -1.15
CA ALA B 63 -13.21 17.60 -1.24
C ALA B 63 -12.52 18.73 -0.48
N MET B 64 -13.01 19.95 -0.62
CA MET B 64 -12.30 21.13 -0.10
C MET B 64 -13.36 22.04 0.47
N GLU B 65 -13.14 22.50 1.69
CA GLU B 65 -13.97 23.57 2.23
C GLU B 65 -13.07 24.68 2.73
N ASP B 66 -13.45 25.92 2.44
CA ASP B 66 -12.77 27.06 2.99
C ASP B 66 -13.83 27.97 3.63
N ALA B 67 -13.46 29.18 4.03
CA ALA B 67 -14.40 30.08 4.72
C ALA B 67 -15.57 30.52 3.85
N PHE B 68 -15.53 30.26 2.54
CA PHE B 68 -16.50 30.79 1.58
C PHE B 68 -17.43 29.75 0.93
N GLY B 69 -17.04 28.48 0.92
CA GLY B 69 -17.89 27.44 0.38
C GLY B 69 -17.15 26.12 0.33
N THR B 70 -17.74 25.18 -0.38
CA THR B 70 -17.24 23.82 -0.49
C THR B 70 -17.31 23.27 -1.92
N TRP B 71 -16.25 22.60 -2.33
CA TRP B 71 -16.23 21.95 -3.64
C TRP B 71 -16.23 20.47 -3.44
N THR B 72 -17.01 19.77 -4.27
CA THR B 72 -16.87 18.34 -4.43
C THR B 72 -15.65 18.02 -5.30
N TYR B 73 -15.31 16.74 -5.41
CA TYR B 73 -14.13 16.33 -6.12
C TYR B 73 -14.33 16.61 -7.61
N GLN B 74 -15.56 16.47 -8.09
CA GLN B 74 -15.91 16.87 -9.47
C GLN B 74 -15.64 18.33 -9.73
N GLU B 75 -16.19 19.19 -8.89
CA GLU B 75 -15.98 20.62 -8.94
C GLU B 75 -14.48 20.91 -8.89
N LEU B 76 -13.76 20.32 -7.93
CA LEU B 76 -12.31 20.58 -7.89
C LEU B 76 -11.65 20.16 -9.21
N LEU B 77 -12.05 19.03 -9.78
CA LEU B 77 -11.47 18.54 -11.04
C LEU B 77 -11.82 19.53 -12.18
N ASN B 78 -13.08 19.94 -12.23
CA ASN B 78 -13.53 20.94 -13.21
C ASN B 78 -12.77 22.25 -13.14
N HIS B 79 -12.63 22.80 -11.93
CA HIS B 79 -11.97 24.11 -11.83
C HIS B 79 -10.49 23.93 -12.13
N SER B 80 -9.90 22.82 -11.75
CA SER B 80 -8.46 22.56 -12.01
C SER B 80 -8.19 22.49 -13.55
N GLN B 81 -9.08 21.81 -14.24
CA GLN B 81 -9.10 21.77 -15.71
C GLN B 81 -9.22 23.13 -16.32
N ALA B 82 -10.20 23.89 -15.88
CA ALA B 82 -10.34 25.26 -16.33
C ALA B 82 -9.06 26.08 -16.16
N PHE B 83 -8.42 25.96 -14.98
CA PHE B 83 -7.25 26.72 -14.72
C PHE B 83 -6.13 26.29 -15.62
N SER B 84 -6.05 25.00 -15.91
CA SER B 84 -5.10 24.51 -16.88
C SER B 84 -5.30 25.21 -18.25
N ALA B 85 -6.55 25.31 -18.69
CA ALA B 85 -6.81 26.03 -19.93
C ALA B 85 -6.43 27.51 -19.79
N TRP B 86 -6.56 28.11 -18.60
CA TRP B 86 -6.18 29.52 -18.46
C TRP B 86 -4.68 29.66 -18.66
N LEU B 87 -3.91 28.68 -18.17
CA LEU B 87 -2.45 28.69 -18.39
C LEU B 87 -2.16 28.53 -19.93
N ASP B 88 -2.85 27.62 -20.57
CA ASP B 88 -2.68 27.41 -22.03
C ASP B 88 -2.96 28.74 -22.74
N GLY B 89 -4.11 29.33 -22.41
CA GLY B 89 -4.52 30.67 -22.85
C GLY B 89 -3.47 31.77 -22.73
N LYS B 90 -2.68 31.70 -21.67
CA LYS B 90 -1.59 32.62 -21.41
C LYS B 90 -0.27 32.16 -21.97
N GLY B 91 -0.21 30.97 -22.55
CA GLY B 91 1.03 30.43 -23.10
C GLY B 91 2.05 29.99 -22.08
N VAL B 92 1.62 29.62 -20.88
CA VAL B 92 2.56 29.15 -19.87
C VAL B 92 2.87 27.70 -20.17
N ALA B 93 4.15 27.37 -20.33
CA ALA B 93 4.52 26.09 -20.90
C ALA B 93 5.04 25.11 -19.88
N ARG B 94 5.00 23.84 -20.28
CA ARG B 94 5.64 22.78 -19.55
C ARG B 94 7.01 23.17 -19.01
N GLY B 95 7.21 23.02 -17.71
CA GLY B 95 8.48 23.31 -17.10
C GLY B 95 8.63 24.71 -16.55
N GLU B 96 7.77 25.63 -16.99
CA GLU B 96 7.84 26.99 -16.45
C GLU B 96 7.21 27.05 -15.06
N ARG B 97 7.49 28.13 -14.32
CA ARG B 97 7.03 28.35 -12.95
C ARG B 97 5.94 29.44 -12.95
N ILE B 98 4.97 29.26 -12.05
CA ILE B 98 4.10 30.33 -11.62
C ILE B 98 4.30 30.50 -10.12
N VAL B 99 4.45 31.76 -9.70
CA VAL B 99 4.49 32.09 -8.27
C VAL B 99 3.09 32.49 -7.84
N VAL B 100 2.62 31.86 -6.76
CA VAL B 100 1.27 31.94 -6.32
C VAL B 100 1.25 32.28 -4.86
N GLN B 101 0.84 33.50 -4.54
CA GLN B 101 0.78 33.98 -3.17
C GLN B 101 -0.64 34.15 -2.70
N LEU B 102 -1.21 33.08 -2.21
CA LEU B 102 -2.61 33.01 -1.82
C LEU B 102 -2.80 32.43 -0.47
N PRO B 103 -3.88 32.79 0.17
CA PRO B 103 -4.24 32.16 1.44
C PRO B 103 -4.80 30.79 1.14
N ASN B 104 -5.25 30.15 2.18
CA ASN B 104 -5.83 28.84 2.07
C ASN B 104 -7.26 28.87 1.58
N ILE B 105 -7.44 28.92 0.27
CA ILE B 105 -8.78 28.98 -0.30
C ILE B 105 -8.85 27.96 -1.40
N ARG B 106 -10.06 27.62 -1.81
CA ARG B 106 -10.26 26.56 -2.81
C ARG B 106 -9.50 26.79 -4.14
N GLN B 107 -9.47 28.04 -4.56
CA GLN B 107 -8.81 28.43 -5.79
C GLN B 107 -7.35 28.01 -5.81
N THR B 108 -6.67 28.09 -4.67
CA THR B 108 -5.27 27.74 -4.61
C THR B 108 -5.05 26.27 -4.96
N VAL B 109 -5.99 25.45 -4.54
CA VAL B 109 -5.80 24.05 -4.76
C VAL B 109 -6.07 23.78 -6.27
N ALA B 110 -7.04 24.49 -6.84
CA ALA B 110 -7.34 24.38 -8.28
C ALA B 110 -6.12 24.87 -9.11
N VAL B 111 -5.43 25.92 -8.62
CA VAL B 111 -4.26 26.42 -9.31
C VAL B 111 -3.14 25.38 -9.26
N PHE B 112 -2.94 24.79 -8.09
CA PHE B 112 -2.01 23.74 -7.88
C PHE B 112 -2.20 22.57 -8.86
N TYR B 113 -3.36 21.98 -8.83
CA TYR B 113 -3.63 20.81 -9.67
C TYR B 113 -3.66 21.18 -11.18
N GLY B 114 -4.18 22.34 -11.50
CA GLY B 114 -4.27 22.79 -12.89
C GLY B 114 -2.90 23.02 -13.50
N ALA B 115 -1.96 23.50 -12.66
CA ALA B 115 -0.60 23.66 -13.06
C ALA B 115 0.08 22.33 -13.26
N CYS B 116 -0.09 21.44 -12.30
CA CYS B 116 0.41 20.08 -12.40
C CYS B 116 -0.02 19.36 -13.69
N ARG B 117 -1.29 19.45 -14.03
CA ARG B 117 -1.83 18.87 -15.26
C ARG B 117 -1.16 19.39 -16.57
N ARG B 118 -0.37 20.45 -16.51
CA ARG B 118 0.32 21.04 -17.66
C ARG B 118 1.81 21.06 -17.48
N GLY B 119 2.30 20.36 -16.44
CA GLY B 119 3.70 20.28 -16.21
C GLY B 119 4.26 21.59 -15.78
N VAL B 120 3.41 22.51 -15.37
CA VAL B 120 3.82 23.82 -14.90
C VAL B 120 4.18 23.71 -13.39
N VAL B 121 5.22 24.42 -12.98
CA VAL B 121 5.80 24.25 -11.64
C VAL B 121 5.18 25.25 -10.66
N PHE B 122 4.46 24.73 -9.65
CA PHE B 122 3.70 25.54 -8.71
C PHE B 122 4.70 26.09 -7.66
N VAL B 123 4.76 27.41 -7.42
CA VAL B 123 5.68 28.00 -6.47
C VAL B 123 4.86 28.78 -5.45
N PRO B 124 4.35 28.08 -4.44
CA PRO B 124 3.50 28.76 -3.47
C PRO B 124 4.27 29.53 -2.41
N LEU B 125 3.86 30.77 -2.22
CA LEU B 125 4.38 31.65 -1.20
C LEU B 125 3.31 32.10 -0.23
N ASN B 126 3.76 32.34 0.98
CA ASN B 126 2.96 32.80 2.06
C ASN B 126 2.56 34.25 1.93
N PRO B 127 1.27 34.58 2.12
CA PRO B 127 0.88 35.99 2.10
C PRO B 127 1.63 36.96 3.06
N GLY B 128 2.25 36.51 4.13
CA GLY B 128 2.90 37.52 4.99
C GLY B 128 4.14 38.28 4.48
N MET B 129 4.71 37.85 3.38
CA MET B 129 6.09 38.15 3.11
C MET B 129 6.39 39.60 2.94
N LYS B 130 7.53 40.01 3.47
CA LYS B 130 8.04 41.35 3.29
C LYS B 130 8.48 41.52 1.87
N PRO B 131 8.40 42.75 1.32
CA PRO B 131 8.66 42.96 -0.08
C PRO B 131 10.06 42.64 -0.59
N PHE B 132 11.12 43.07 0.12
CA PHE B 132 12.50 42.70 -0.31
C PHE B 132 12.59 41.16 -0.33
N HIS B 133 11.88 40.52 0.56
CA HIS B 133 11.91 39.06 0.63
C HIS B 133 11.27 38.45 -0.66
N LEU B 134 10.05 38.85 -0.96
CA LEU B 134 9.40 38.52 -2.26
C LEU B 134 10.27 38.82 -3.47
N ARG B 135 10.89 40.00 -3.52
CA ARG B 135 11.79 40.26 -4.64
C ARG B 135 12.83 39.18 -4.82
N SER B 136 13.50 38.83 -3.71
CA SER B 136 14.55 37.85 -3.72
C SER B 136 14.06 36.49 -4.22
N VAL B 137 12.91 36.07 -3.70
CA VAL B 137 12.41 34.77 -3.95
C VAL B 137 11.80 34.68 -5.37
N ILE B 138 11.07 35.70 -5.79
CA ILE B 138 10.50 35.69 -7.11
C ILE B 138 11.59 35.64 -8.16
N ALA B 139 12.64 36.43 -7.99
CA ALA B 139 13.75 36.41 -8.94
C ALA B 139 14.33 35.00 -9.00
N ASP B 140 14.57 34.36 -7.86
CA ASP B 140 15.21 33.05 -7.83
C ASP B 140 14.32 32.04 -8.52
N ALA B 141 13.02 32.09 -8.22
CA ALA B 141 12.08 31.17 -8.84
C ALA B 141 11.98 31.36 -10.38
N ASP B 142 12.11 32.61 -10.81
CA ASP B 142 12.17 32.95 -12.22
C ASP B 142 10.92 32.51 -12.96
N PRO B 143 9.72 32.96 -12.51
CA PRO B 143 8.49 32.47 -13.05
C PRO B 143 8.03 33.19 -14.31
N ARG B 144 6.99 32.68 -14.94
CA ARG B 144 6.33 33.39 -16.05
C ARG B 144 5.42 34.51 -15.59
N LEU B 145 4.82 34.29 -14.42
CA LEU B 145 3.79 35.20 -13.92
C LEU B 145 3.58 34.94 -12.46
N VAL B 146 2.84 35.84 -11.85
CA VAL B 146 2.65 35.84 -10.43
C VAL B 146 1.19 36.03 -10.18
N ILE B 147 0.65 35.28 -9.24
CA ILE B 147 -0.77 35.31 -8.84
C ILE B 147 -0.87 35.80 -7.39
N ALA B 148 -1.65 36.85 -7.17
CA ALA B 148 -1.79 37.47 -5.88
C ALA B 148 -3.21 37.35 -5.35
N GLU B 149 -3.35 37.75 -4.10
CA GLU B 149 -4.53 37.50 -3.35
C GLU B 149 -5.65 38.48 -3.68
N ASP B 150 -5.26 39.72 -4.00
CA ASP B 150 -6.20 40.75 -4.33
C ASP B 150 -5.41 41.89 -4.93
N GLU B 151 -6.10 42.98 -5.24
CA GLU B 151 -5.50 44.07 -6.00
C GLU B 151 -4.45 44.84 -5.19
N THR B 152 -4.73 45.06 -3.90
CA THR B 152 -3.75 45.69 -3.02
C THR B 152 -2.46 44.87 -3.11
N ALA B 153 -2.59 43.56 -2.84
CA ALA B 153 -1.45 42.67 -2.87
C ALA B 153 -0.80 42.61 -4.23
N ALA B 154 -1.60 42.54 -5.30
CA ALA B 154 -1.06 42.58 -6.66
C ALA B 154 -0.20 43.83 -6.86
N ASP B 155 -0.63 44.97 -6.32
CA ASP B 155 0.17 46.20 -6.44
C ASP B 155 1.50 46.13 -5.71
N ARG B 156 1.46 45.63 -4.48
CA ARG B 156 2.71 45.48 -3.73
C ARG B 156 3.68 44.59 -4.55
N LEU B 157 3.15 43.52 -5.15
CA LEU B 157 4.00 42.62 -5.93
C LEU B 157 4.60 43.29 -7.17
N ARG B 158 3.83 44.18 -7.79
CA ARG B 158 4.32 44.90 -8.94
C ARG B 158 5.49 45.83 -8.65
N ASP B 159 5.64 46.31 -7.42
CA ASP B 159 6.90 47.03 -7.03
C ASP B 159 8.13 46.10 -7.08
N VAL B 160 7.90 44.83 -6.92
CA VAL B 160 8.96 43.92 -6.57
C VAL B 160 9.36 42.96 -7.70
N THR B 161 8.73 43.14 -8.86
CA THR B 161 8.96 42.33 -10.05
C THR B 161 8.34 43.03 -11.27
N ASP B 162 8.97 42.81 -12.41
CA ASP B 162 8.46 43.31 -13.67
C ASP B 162 7.60 42.25 -14.37
N LEU B 163 7.51 41.04 -13.82
CA LEU B 163 6.63 40.01 -14.38
C LEU B 163 5.18 40.39 -14.23
N PRO B 164 4.30 39.88 -15.13
CA PRO B 164 2.87 40.06 -15.06
C PRO B 164 2.32 39.51 -13.74
N VAL B 165 1.43 40.26 -13.09
CA VAL B 165 0.83 39.91 -11.79
C VAL B 165 -0.67 39.96 -11.86
N TYR B 166 -1.33 38.86 -11.45
CA TYR B 166 -2.77 38.76 -11.57
C TYR B 166 -3.41 38.57 -10.21
N SER B 167 -4.45 39.30 -9.89
CA SER B 167 -5.20 39.02 -8.71
C SER B 167 -6.08 37.82 -8.98
N ILE B 168 -6.21 36.95 -7.99
CA ILE B 168 -7.02 35.75 -8.18
C ILE B 168 -8.53 36.03 -8.56
N ASP B 169 -9.12 37.08 -8.01
CA ASP B 169 -10.55 37.40 -8.31
C ASP B 169 -10.74 37.75 -9.78
N SER B 170 -9.85 38.56 -10.30
CA SER B 170 -10.00 38.99 -11.65
C SER B 170 -9.71 37.78 -12.57
N LEU B 171 -8.65 37.02 -12.29
CA LEU B 171 -8.33 35.90 -13.16
C LEU B 171 -9.41 34.80 -13.05
N TRP B 172 -9.99 34.64 -11.87
CA TRP B 172 -11.01 33.63 -11.70
C TRP B 172 -12.27 33.85 -12.57
N ALA B 173 -12.55 35.07 -12.98
CA ALA B 173 -13.73 35.28 -13.82
C ALA B 173 -13.51 34.52 -15.14
N ASP B 174 -12.29 34.57 -15.65
CA ASP B 174 -11.94 33.84 -16.87
C ASP B 174 -11.94 32.34 -16.71
N VAL B 175 -11.47 31.89 -15.55
CA VAL B 175 -11.50 30.49 -15.20
C VAL B 175 -12.93 29.95 -15.24
N GLU B 176 -13.86 30.68 -14.66
CA GLU B 176 -15.26 30.25 -14.62
C GLU B 176 -15.82 30.19 -16.04
N ARG B 177 -15.48 31.15 -16.89
CA ARG B 177 -15.94 31.09 -18.29
C ARG B 177 -15.40 29.82 -18.94
N LEU B 178 -14.10 29.55 -18.67
CA LEU B 178 -13.42 28.38 -19.25
C LEU B 178 -14.01 27.12 -18.72
N ARG B 179 -14.37 27.13 -17.43
CA ARG B 179 -15.03 25.96 -16.81
C ARG B 179 -16.38 25.68 -17.50
N ASP B 180 -17.14 26.74 -17.69
CA ASP B 180 -18.43 26.67 -18.34
C ASP B 180 -18.35 26.16 -19.78
N ALA B 181 -17.32 26.57 -20.52
CA ALA B 181 -17.11 26.04 -21.86
C ALA B 181 -16.60 24.59 -21.84
N GLY B 182 -16.28 24.01 -20.69
CA GLY B 182 -15.58 22.73 -20.66
C GLY B 182 -14.13 22.72 -21.14
N ALA B 183 -13.44 23.82 -20.98
CA ALA B 183 -12.06 23.89 -21.44
C ALA B 183 -11.07 23.15 -20.51
N GLY B 184 -10.07 22.54 -21.14
CA GLY B 184 -8.88 22.10 -20.48
C GLY B 184 -8.92 20.65 -20.06
N ALA B 185 -9.98 19.95 -20.44
CA ALA B 185 -10.18 18.54 -20.11
C ALA B 185 -9.15 17.63 -20.72
N GLU B 186 -8.44 18.05 -21.77
CA GLU B 186 -7.42 17.21 -22.35
C GLU B 186 -6.15 17.18 -21.45
N ALA B 187 -5.44 16.05 -21.54
CA ALA B 187 -4.14 15.81 -20.98
C ALA B 187 -3.08 16.34 -21.91
N VAL B 188 -1.87 16.35 -21.39
CA VAL B 188 -0.71 16.80 -22.08
C VAL B 188 0.38 15.96 -21.49
N GLU B 189 1.52 15.90 -22.14
CA GLU B 189 2.52 15.01 -21.67
C GLU B 189 3.23 15.57 -20.44
N VAL B 190 3.27 14.77 -19.38
CA VAL B 190 3.98 15.17 -18.14
C VAL B 190 4.69 13.96 -17.60
N SER B 191 5.96 14.11 -17.36
CA SER B 191 6.74 13.01 -16.89
C SER B 191 6.73 12.98 -15.36
N PRO B 192 6.74 11.76 -14.77
CA PRO B 192 6.93 11.59 -13.34
C PRO B 192 8.20 12.26 -12.84
N GLU B 193 9.18 12.54 -13.72
CA GLU B 193 10.40 13.21 -13.32
C GLU B 193 10.37 14.72 -13.45
N ASP B 194 9.34 15.26 -14.06
CA ASP B 194 9.12 16.71 -14.12
C ASP B 194 8.87 17.32 -12.72
N LEU B 195 9.37 18.55 -12.52
CA LEU B 195 9.16 19.26 -11.29
C LEU B 195 7.70 19.64 -11.22
N ALA B 196 7.12 19.38 -10.04
CA ALA B 196 5.76 19.81 -9.73
C ALA B 196 5.73 21.08 -8.85
N VAL B 197 6.67 21.19 -7.92
CA VAL B 197 6.63 22.35 -7.01
C VAL B 197 8.04 22.70 -6.57
N LEU B 198 8.28 23.99 -6.39
CA LEU B 198 9.38 24.48 -5.60
C LEU B 198 8.87 24.94 -4.25
N ILE B 199 9.52 24.50 -3.18
CA ILE B 199 9.10 24.85 -1.82
C ILE B 199 10.23 25.67 -1.26
N TYR B 200 10.01 26.96 -1.11
CA TYR B 200 11.01 27.82 -0.52
C TYR B 200 11.00 27.59 1.02
N THR B 201 12.17 27.34 1.59
CA THR B 201 12.32 27.14 3.04
C THR B 201 13.01 28.33 3.70
N SER B 202 13.55 29.23 2.89
CA SER B 202 14.43 30.25 3.34
C SER B 202 13.62 31.37 3.98
N GLY B 203 14.04 31.84 5.12
CA GLY B 203 13.40 33.00 5.71
C GLY B 203 13.94 34.28 5.10
N SER B 204 13.43 35.37 5.63
CA SER B 204 13.69 36.66 5.07
C SER B 204 15.10 37.11 5.30
N THR B 205 15.80 36.57 6.31
CA THR B 205 17.21 36.89 6.50
C THR B 205 18.19 35.94 5.78
N ALA B 206 17.69 35.09 4.91
CA ALA B 206 18.49 34.06 4.32
C ALA B 206 18.49 34.20 2.84
N ALA B 207 19.50 33.62 2.21
CA ALA B 207 19.57 33.57 0.77
C ALA B 207 18.43 32.71 0.30
N PRO B 208 17.84 33.02 -0.87
CA PRO B 208 16.70 32.29 -1.32
C PRO B 208 17.08 30.86 -1.59
N LYS B 209 16.17 29.95 -1.30
CA LYS B 209 16.47 28.54 -1.38
C LYS B 209 15.16 27.77 -1.35
N ALA B 210 14.95 26.96 -2.39
CA ALA B 210 13.77 26.11 -2.51
C ALA B 210 14.16 24.70 -2.78
N VAL B 211 13.35 23.77 -2.27
CA VAL B 211 13.57 22.36 -2.61
C VAL B 211 12.78 22.13 -3.85
N ALA B 212 13.37 21.37 -4.79
CA ALA B 212 12.83 21.18 -6.12
C ALA B 212 12.18 19.84 -6.11
N CYS B 213 10.85 19.82 -6.26
CA CYS B 213 10.08 18.61 -6.02
C CYS B 213 9.41 18.05 -7.27
N PRO B 214 9.91 16.90 -7.76
CA PRO B 214 9.28 16.15 -8.89
C PRO B 214 8.03 15.45 -8.51
N HIS B 215 7.14 15.23 -9.50
CA HIS B 215 5.92 14.52 -9.33
C HIS B 215 6.00 13.19 -8.56
N GLN B 216 6.84 12.27 -9.03
CA GLN B 216 6.99 10.91 -8.47
C GLN B 216 7.22 10.90 -6.94
N GLN B 217 8.22 11.68 -6.51
CA GLN B 217 8.55 11.86 -5.08
C GLN B 217 7.41 12.37 -4.24
N ILE B 218 6.67 13.35 -4.76
CA ILE B 218 5.58 13.91 -4.01
C ILE B 218 4.55 12.84 -3.82
N VAL B 219 4.20 12.17 -4.90
CA VAL B 219 3.14 11.14 -4.85
C VAL B 219 3.56 9.99 -3.92
N PHE B 220 4.79 9.54 -4.08
CA PHE B 220 5.29 8.52 -3.23
C PHE B 220 5.27 8.91 -1.74
N ALA B 221 5.86 10.05 -1.41
CA ALA B 221 5.87 10.52 -0.04
C ALA B 221 4.44 10.62 0.53
N ALA B 222 3.47 11.12 -0.25
CA ALA B 222 2.12 11.20 0.24
C ALA B 222 1.61 9.79 0.59
N SER B 223 1.87 8.83 -0.28
CA SER B 223 1.39 7.47 -0.11
C SER B 223 2.07 6.79 1.12
N SER B 224 3.35 7.07 1.31
CA SER B 224 4.14 6.49 2.38
C SER B 224 3.69 7.04 3.72
N ILE B 225 3.49 8.34 3.77
CA ILE B 225 2.95 8.97 4.98
C ILE B 225 1.61 8.38 5.32
N ASN B 226 0.76 8.27 4.32
CA ASN B 226 -0.58 7.74 4.56
C ASN B 226 -0.57 6.28 4.99
N ALA B 227 0.36 5.49 4.48
CA ALA B 227 0.43 4.10 4.89
C ALA B 227 0.64 4.01 6.39
N VAL B 228 1.19 5.03 7.03
CA VAL B 228 1.32 5.01 8.48
C VAL B 228 0.11 5.68 9.17
N LEU B 229 -0.39 6.80 8.66
CA LEU B 229 -1.36 7.59 9.44
C LEU B 229 -2.80 7.13 9.26
N GLY B 230 -3.10 6.55 8.10
CA GLY B 230 -4.38 5.92 7.93
C GLY B 230 -5.51 6.91 7.78
N TYR B 231 -5.32 7.91 6.93
CA TYR B 231 -6.40 8.77 6.56
C TYR B 231 -7.40 7.98 5.71
N HIS B 232 -8.66 8.30 5.81
CA HIS B 232 -9.61 7.68 4.88
C HIS B 232 -10.74 8.63 4.54
N ALA B 233 -11.70 8.13 3.77
CA ALA B 233 -12.61 9.00 3.00
C ALA B 233 -13.60 9.76 3.84
N GLU B 234 -13.92 9.24 5.02
CA GLU B 234 -14.78 9.99 5.94
C GLU B 234 -14.00 10.88 6.86
N ASP B 235 -12.66 10.95 6.78
CA ASP B 235 -11.91 11.93 7.56
C ASP B 235 -12.21 13.37 7.11
N ILE B 236 -12.09 14.29 8.04
CA ILE B 236 -12.25 15.70 7.75
C ILE B 236 -10.97 16.30 8.34
N VAL B 237 -10.11 16.82 7.46
CA VAL B 237 -8.76 17.21 7.83
C VAL B 237 -8.78 18.70 8.03
N PHE B 238 -8.42 19.13 9.22
CA PHE B 238 -8.46 20.54 9.51
C PHE B 238 -7.08 21.11 9.40
N CYS B 239 -6.86 21.91 8.36
CA CYS B 239 -5.50 22.30 8.06
C CYS B 239 -5.32 23.78 8.20
N ARG B 240 -4.58 24.17 9.21
CA ARG B 240 -4.25 25.55 9.42
C ARG B 240 -2.96 25.98 8.78
N MET B 241 -2.15 25.04 8.26
CA MET B 241 -0.85 25.40 7.71
C MET B 241 -1.08 25.90 6.30
N SER B 242 -0.32 26.89 5.90
CA SER B 242 -0.43 27.40 4.54
C SER B 242 0.05 26.31 3.58
N VAL B 243 -0.50 26.27 2.36
CA VAL B 243 0.01 25.33 1.34
C VAL B 243 1.38 25.75 0.84
N SER B 244 1.86 26.92 1.22
CA SER B 244 3.24 27.26 0.92
C SER B 244 4.28 26.49 1.75
N TRP B 245 3.80 25.79 2.78
CA TRP B 245 4.60 24.91 3.62
C TRP B 245 4.21 23.51 3.16
N ASP B 246 5.14 22.57 3.11
CA ASP B 246 4.76 21.22 2.69
C ASP B 246 3.81 20.55 3.64
N PHE B 247 3.67 21.12 4.84
CA PHE B 247 2.76 20.55 5.81
C PHE B 247 1.39 20.71 5.21
N GLY B 248 1.03 21.91 4.78
CA GLY B 248 -0.30 22.11 4.15
C GLY B 248 -0.48 21.49 2.75
N LEU B 249 0.57 21.52 1.95
CA LEU B 249 0.50 20.92 0.62
C LEU B 249 0.21 19.44 0.68
N TYR B 250 0.85 18.76 1.62
CA TYR B 250 0.61 17.33 1.71
C TYR B 250 -0.71 16.97 2.34
N LYS B 251 -1.35 17.92 3.00
CA LYS B 251 -2.77 17.65 3.46
C LYS B 251 -3.75 17.79 2.28
N VAL B 252 -3.43 18.68 1.34
CA VAL B 252 -4.09 18.65 -0.02
C VAL B 252 -3.93 17.28 -0.67
N LEU B 253 -2.70 16.80 -0.72
CA LEU B 253 -2.42 15.56 -1.43
C LEU B 253 -2.95 14.34 -0.79
N ILE B 254 -2.76 14.24 0.52
CA ILE B 254 -3.22 13.06 1.24
C ILE B 254 -4.73 13.04 1.27
N SER B 255 -5.40 14.17 1.44
CA SER B 255 -6.87 14.15 1.38
C SER B 255 -7.35 13.75 0.00
N THR B 256 -6.68 14.28 -1.03
CA THR B 256 -7.06 13.92 -2.39
C THR B 256 -6.82 12.44 -2.64
N LEU B 257 -5.69 11.93 -2.18
CA LEU B 257 -5.38 10.53 -2.32
C LEU B 257 -6.48 9.62 -1.78
N THR B 258 -7.03 9.94 -0.62
CA THR B 258 -7.96 9.07 0.11
C THR B 258 -9.41 9.46 -0.05
N GLY B 259 -9.70 10.58 -0.68
CA GLY B 259 -11.10 11.01 -0.83
C GLY B 259 -11.70 11.71 0.37
N ALA B 260 -10.83 12.09 1.30
CA ALA B 260 -11.22 12.77 2.48
C ALA B 260 -11.62 14.17 2.13
N LYS B 261 -12.08 14.90 3.13
CA LYS B 261 -12.47 16.28 2.96
C LYS B 261 -11.48 17.18 3.69
N LEU B 262 -10.96 18.17 2.95
CA LEU B 262 -9.99 19.08 3.53
C LEU B 262 -10.66 20.37 3.90
N VAL B 263 -10.39 20.81 5.14
CA VAL B 263 -10.87 22.09 5.59
C VAL B 263 -9.68 22.99 5.62
N LEU B 264 -9.74 24.00 4.75
CA LEU B 264 -8.66 24.96 4.60
C LEU B 264 -8.97 26.09 5.55
N ALA B 265 -8.23 26.15 6.64
CA ALA B 265 -8.39 27.17 7.67
C ALA B 265 -7.21 28.12 7.54
N GLY B 266 -7.21 29.21 8.32
CA GLY B 266 -6.06 30.12 8.40
C GLY B 266 -6.44 31.48 8.90
N LEU B 273 -11.39 29.57 17.08
CA LEU B 273 -10.97 28.37 16.30
C LEU B 273 -11.40 26.99 16.81
N VAL B 274 -11.55 26.86 18.13
CA VAL B 274 -12.09 25.64 18.71
C VAL B 274 -13.46 25.42 18.09
N LYS B 275 -14.18 26.51 17.92
CA LYS B 275 -15.49 26.51 17.27
C LYS B 275 -15.38 26.03 15.80
N SER B 276 -14.37 26.54 15.10
CA SER B 276 -14.12 26.06 13.73
C SER B 276 -13.95 24.55 13.70
N LEU B 277 -13.14 24.03 14.63
CA LEU B 277 -12.86 22.59 14.72
C LEU B 277 -14.13 21.81 14.92
N ARG B 278 -14.83 22.14 16.00
CA ARG B 278 -16.04 21.43 16.34
C ARG B 278 -17.07 21.58 15.21
N GLU B 279 -17.28 22.79 14.72
CA GLU B 279 -18.31 22.99 13.70
C GLU B 279 -17.99 22.34 12.34
N SER B 280 -16.71 22.18 11.99
CA SER B 280 -16.35 21.43 10.79
C SER B 280 -16.43 19.89 10.97
N GLY B 281 -16.49 19.46 12.22
CA GLY B 281 -16.45 18.03 12.50
C GLY B 281 -15.11 17.45 12.17
N ALA B 282 -14.06 18.25 12.34
CA ALA B 282 -12.71 17.85 12.04
C ALA B 282 -12.38 16.55 12.73
N THR B 283 -11.73 15.66 11.99
CA THR B 283 -11.32 14.38 12.55
C THR B 283 -9.76 14.24 12.68
N MET B 284 -9.03 14.96 11.80
CA MET B 284 -7.56 14.89 11.76
C MET B 284 -7.02 16.28 11.77
N MET B 285 -5.96 16.52 12.54
CA MET B 285 -5.39 17.84 12.61
C MET B 285 -3.90 17.78 12.67
N PRO B 286 -3.22 18.19 11.60
CA PRO B 286 -1.84 18.44 11.73
C PRO B 286 -1.55 19.61 12.66
N ILE B 287 -0.53 19.42 13.47
CA ILE B 287 -0.09 20.43 14.41
C ILE B 287 1.40 20.65 14.31
N VAL B 288 1.81 21.82 14.79
CA VAL B 288 3.20 22.05 15.24
C VAL B 288 3.10 22.37 16.75
N PRO B 289 4.22 22.28 17.51
CA PRO B 289 4.11 22.53 18.95
C PRO B 289 3.47 23.84 19.33
N SER B 290 3.82 24.93 18.64
CA SER B 290 3.29 26.22 19.03
C SER B 290 1.76 26.28 18.82
N LEU B 291 1.28 25.69 17.72
CA LEU B 291 -0.15 25.61 17.45
C LEU B 291 -0.88 24.70 18.46
N ALA B 292 -0.22 23.64 18.91
CA ALA B 292 -0.78 22.76 19.94
C ALA B 292 -0.96 23.49 21.31
N SER B 293 0.08 24.20 21.76
CA SER B 293 0.00 25.00 23.02
C SER B 293 -1.13 25.99 22.98
N MET B 294 -1.21 26.71 21.87
CA MET B 294 -2.29 27.64 21.67
C MET B 294 -3.64 26.93 21.80
N LEU B 295 -3.74 25.71 21.26
CA LEU B 295 -4.99 24.96 21.24
C LEU B 295 -5.38 24.46 22.63
N THR B 296 -4.42 24.04 23.43
CA THR B 296 -4.70 23.60 24.79
C THR B 296 -5.13 24.75 25.72
N THR B 297 -4.49 25.91 25.59
CA THR B 297 -4.99 27.15 26.19
C THR B 297 -6.45 27.46 25.81
N THR B 308 -14.79 15.44 18.21
CA THR B 308 -14.63 14.61 16.97
C THR B 308 -13.16 14.29 16.61
N LEU B 309 -12.23 15.14 16.98
CA LEU B 309 -10.81 14.89 16.66
C LEU B 309 -10.33 13.51 17.10
N ARG B 310 -9.77 12.73 16.17
CA ARG B 310 -9.19 11.41 16.43
C ARG B 310 -7.66 11.38 16.34
N MET B 311 -7.06 12.42 15.78
CA MET B 311 -5.61 12.41 15.61
C MET B 311 -5.01 13.79 15.45
N PHE B 312 -3.85 13.94 16.08
CA PHE B 312 -3.04 15.09 15.90
C PHE B 312 -1.73 14.54 15.41
N THR B 313 -1.21 15.11 14.32
CA THR B 313 0.09 14.69 13.76
C THR B 313 1.06 15.82 13.77
N ASN B 314 2.14 15.63 14.51
CA ASN B 314 3.07 16.68 14.79
C ASN B 314 4.39 16.47 14.09
N SER B 315 4.87 17.53 13.46
CA SER B 315 6.23 17.56 12.98
C SER B 315 6.77 18.96 13.11
N ALA B 316 7.93 19.19 12.51
CA ALA B 316 8.58 20.48 12.42
C ALA B 316 9.40 20.74 13.66
N ALA B 317 8.92 20.31 14.84
CA ALA B 317 9.68 20.52 16.08
C ALA B 317 9.20 19.56 17.14
N ALA B 318 9.96 19.51 18.24
CA ALA B 318 9.76 18.53 19.30
C ALA B 318 8.50 18.86 20.09
N LEU B 319 7.60 17.91 20.25
CA LEU B 319 6.35 18.17 20.98
C LEU B 319 6.62 17.81 22.44
N PRO B 320 6.56 18.80 23.36
CA PRO B 320 6.93 18.46 24.75
C PRO B 320 5.86 17.69 25.47
N GLN B 321 6.29 16.84 26.39
CA GLN B 321 5.37 15.99 27.12
C GLN B 321 4.17 16.76 27.69
N VAL B 322 4.42 17.99 28.17
CA VAL B 322 3.37 18.77 28.86
C VAL B 322 2.29 19.16 27.85
N THR B 323 2.69 19.37 26.60
CA THR B 323 1.72 19.61 25.59
C THR B 323 0.99 18.32 25.23
N ILE B 324 1.71 17.22 25.16
CA ILE B 324 1.08 15.95 24.81
C ILE B 324 -0.01 15.67 25.83
N ASP B 325 0.37 15.74 27.11
CA ASP B 325 -0.54 15.42 28.22
C ASP B 325 -1.81 16.27 28.14
N ALA B 326 -1.62 17.57 27.89
CA ALA B 326 -2.74 18.52 27.78
C ALA B 326 -3.66 18.23 26.61
N LEU B 327 -3.07 17.81 25.47
CA LEU B 327 -3.86 17.45 24.27
C LEU B 327 -4.69 16.23 24.63
N ARG B 328 -4.06 15.22 25.22
CA ARG B 328 -4.80 14.00 25.57
C ARG B 328 -5.93 14.28 26.59
N SER B 329 -5.66 15.13 27.57
CA SER B 329 -6.71 15.65 28.46
C SER B 329 -7.86 16.32 27.69
N ALA B 330 -7.54 17.35 26.92
CA ALA B 330 -8.56 18.06 26.16
C ALA B 330 -9.21 17.16 25.09
N PHE B 331 -8.47 16.22 24.51
CA PHE B 331 -9.07 15.31 23.52
C PHE B 331 -8.73 13.85 23.80
N PRO B 332 -9.40 13.26 24.79
CA PRO B 332 -9.10 11.86 25.11
C PRO B 332 -9.39 10.89 23.98
N GLY B 333 -10.29 11.24 23.06
CA GLY B 333 -10.54 10.38 21.92
C GLY B 333 -9.46 10.35 20.86
N ALA B 334 -8.39 11.15 21.02
CA ALA B 334 -7.44 11.37 19.92
C ALA B 334 -6.08 10.76 20.17
N GLN B 335 -5.41 10.29 19.11
CA GLN B 335 -4.04 9.86 19.17
C GLN B 335 -3.12 11.04 18.88
N VAL B 336 -2.02 11.14 19.61
CA VAL B 336 -1.05 12.17 19.38
C VAL B 336 0.15 11.51 18.79
N VAL B 337 0.51 11.89 17.55
CA VAL B 337 1.49 11.18 16.74
C VAL B 337 2.69 12.05 16.46
N ARG B 338 3.85 11.54 16.79
CA ARG B 338 5.09 12.26 16.64
C ARG B 338 5.69 11.89 15.31
N MET B 339 6.25 12.90 14.60
CA MET B 339 6.92 12.72 13.32
C MET B 339 8.14 13.63 13.25
N TYR B 340 9.04 13.38 12.33
CA TYR B 340 10.20 14.24 12.12
C TYR B 340 10.50 14.28 10.62
N GLY B 341 10.83 15.45 10.11
CA GLY B 341 11.10 15.55 8.69
C GLY B 341 11.83 16.80 8.32
N GLN B 342 12.29 16.81 7.07
CA GLN B 342 12.77 17.99 6.40
C GLN B 342 12.13 18.08 5.03
N THR B 343 12.08 19.29 4.50
CA THR B 343 11.40 19.52 3.25
C THR B 343 12.15 18.80 2.17
N GLU B 344 13.45 18.66 2.39
CA GLU B 344 14.38 18.02 1.47
C GLU B 344 13.92 16.62 1.03
N CYS B 345 13.12 15.95 1.87
CA CYS B 345 12.53 14.66 1.51
C CYS B 345 11.13 14.53 2.04
N LYS B 346 10.47 15.66 2.20
CA LYS B 346 9.16 15.79 2.87
C LYS B 346 9.17 15.36 4.33
N ARG B 347 9.34 14.07 4.58
CA ARG B 347 9.30 13.56 5.95
C ARG B 347 10.23 12.37 6.07
N ILE B 348 10.71 12.11 7.29
CA ILE B 348 11.76 11.14 7.50
C ILE B 348 11.28 9.97 8.34
N SER B 349 10.58 10.28 9.43
CA SER B 349 10.10 9.26 10.36
C SER B 349 8.77 9.61 10.92
N ILE B 350 7.97 8.59 11.19
CA ILE B 350 6.67 8.68 11.87
C ILE B 350 6.57 7.59 12.95
N MET B 351 6.05 7.97 14.13
CA MET B 351 5.78 7.01 15.19
C MET B 351 4.44 6.41 14.89
N PRO B 352 4.35 5.08 14.80
CA PRO B 352 3.03 4.54 14.48
C PRO B 352 2.00 4.89 15.52
N PRO B 353 0.82 5.35 15.05
CA PRO B 353 -0.22 5.79 15.97
C PRO B 353 -0.42 4.87 17.15
N HIS B 354 -0.47 3.56 16.89
CA HIS B 354 -0.80 2.59 17.90
C HIS B 354 0.31 2.50 18.95
N LEU B 355 1.51 3.03 18.65
CA LEU B 355 2.62 3.08 19.58
C LEU B 355 2.83 4.48 20.21
N GLU B 356 1.79 5.32 20.22
CA GLU B 356 1.89 6.71 20.69
C GLU B 356 2.35 6.81 22.14
N HIS B 357 1.94 5.85 23.00
CA HIS B 357 2.33 5.81 24.41
C HIS B 357 3.71 5.22 24.64
N GLU B 358 4.49 4.88 23.62
CA GLU B 358 5.79 4.24 23.89
C GLU B 358 6.95 5.05 23.40
N ARG B 359 8.12 4.68 23.88
CA ARG B 359 9.40 5.31 23.55
C ARG B 359 9.40 6.86 23.64
N VAL B 363 11.37 9.89 17.67
CA VAL B 363 10.52 10.40 16.51
C VAL B 363 10.05 9.36 15.50
N GLY B 364 10.18 8.09 15.88
CA GLY B 364 9.46 7.01 15.20
C GLY B 364 10.30 6.19 14.25
N LEU B 365 9.63 5.51 13.32
CA LEU B 365 10.28 4.64 12.32
C LEU B 365 10.37 5.30 10.98
N PRO B 366 11.30 4.84 10.14
CA PRO B 366 11.34 5.38 8.76
C PRO B 366 10.00 5.30 8.03
N LEU B 367 9.81 6.18 7.07
CA LEU B 367 8.69 6.07 6.21
C LEU B 367 8.81 4.74 5.51
N PRO B 368 7.71 3.97 5.41
CA PRO B 368 7.71 2.78 4.56
C PRO B 368 8.32 3.01 3.19
N GLY B 369 9.19 2.11 2.78
CA GLY B 369 9.88 2.24 1.53
C GLY B 369 11.09 3.15 1.55
N THR B 370 11.58 3.54 2.72
CA THR B 370 12.75 4.40 2.79
C THR B 370 13.73 3.85 3.81
N THR B 371 14.94 4.40 3.86
CA THR B 371 15.94 3.98 4.81
C THR B 371 16.69 5.15 5.48
N ILE B 372 17.08 4.97 6.75
CA ILE B 372 17.72 6.03 7.54
C ILE B 372 19.21 5.72 7.82
N GLY B 388 25.44 9.61 15.36
CA GLY B 388 25.96 9.97 14.04
C GLY B 388 24.98 10.85 13.28
N GLU B 389 25.33 11.23 12.04
CA GLU B 389 24.47 12.07 11.24
C GLU B 389 23.30 11.30 10.66
N ILE B 390 22.10 11.84 10.80
CA ILE B 390 20.94 11.17 10.31
C ILE B 390 20.89 11.37 8.81
N THR B 391 20.77 10.27 8.11
CA THR B 391 20.95 10.24 6.72
C THR B 391 19.83 9.40 6.17
N VAL B 392 19.42 9.70 4.93
CA VAL B 392 18.15 9.19 4.42
C VAL B 392 18.29 8.82 2.96
N THR B 393 17.80 7.66 2.57
CA THR B 393 17.74 7.32 1.16
C THR B 393 16.33 6.85 0.85
N GLY B 394 15.89 7.12 -0.37
CA GLY B 394 14.58 6.59 -0.82
C GLY B 394 13.92 7.41 -1.92
N PRO B 395 12.73 6.96 -2.36
CA PRO B 395 11.97 7.61 -3.43
C PRO B 395 11.28 8.92 -3.01
N HIS B 396 11.49 9.34 -1.78
CA HIS B 396 11.02 10.63 -1.25
C HIS B 396 12.07 11.72 -1.27
N VAL B 397 13.32 11.34 -1.49
CA VAL B 397 14.40 12.30 -1.48
C VAL B 397 14.24 13.15 -2.72
N MET B 398 14.08 14.46 -2.53
CA MET B 398 13.68 15.35 -3.61
C MET B 398 14.86 15.65 -4.53
N ALA B 399 14.63 16.45 -5.57
CA ALA B 399 15.65 16.63 -6.60
C ALA B 399 16.70 17.71 -6.29
N GLY B 400 16.91 18.06 -5.04
CA GLY B 400 17.87 19.09 -4.76
C GLY B 400 17.23 20.46 -4.61
N TYR B 401 18.09 21.46 -4.47
CA TYR B 401 17.65 22.83 -4.29
C TYR B 401 17.66 23.41 -5.67
N TRP B 402 16.69 24.27 -5.99
CA TRP B 402 16.55 24.89 -7.33
C TRP B 402 17.68 25.84 -7.77
N ARG B 403 18.34 25.53 -8.87
CA ARG B 403 19.48 26.33 -9.40
C ARG B 403 20.53 26.61 -8.38
N ALA B 404 20.90 25.59 -7.62
CA ALA B 404 21.97 25.79 -6.63
C ALA B 404 22.79 24.52 -6.48
N PRO B 405 23.53 24.13 -7.56
CA PRO B 405 24.34 22.91 -7.54
C PRO B 405 25.26 22.80 -6.29
N GLU B 406 25.86 23.91 -5.86
CA GLU B 406 26.82 23.91 -4.73
C GLU B 406 26.17 23.62 -3.36
N ILE B 407 25.01 24.22 -3.05
CA ILE B 407 24.30 23.86 -1.80
C ILE B 407 23.78 22.41 -1.90
N THR B 408 23.28 22.05 -3.09
CA THR B 408 22.67 20.74 -3.31
C THR B 408 23.69 19.68 -3.01
N ALA B 409 24.86 19.83 -3.64
CA ALA B 409 26.00 18.93 -3.46
C ALA B 409 26.28 18.52 -2.01
N ARG B 410 26.17 19.43 -1.06
CA ARG B 410 26.54 19.08 0.31
C ARG B 410 25.46 18.34 1.08
N ALA B 411 24.18 18.62 0.77
CA ALA B 411 23.04 17.98 1.45
C ALA B 411 22.70 16.66 0.75
N TYR B 412 22.75 16.66 -0.58
CA TYR B 412 22.43 15.49 -1.35
C TYR B 412 23.72 14.72 -1.73
N MET B 421 21.25 8.29 -4.46
CA MET B 421 21.45 9.60 -3.87
C MET B 421 20.91 9.67 -2.44
N ARG B 422 21.72 10.24 -1.57
CA ARG B 422 21.52 10.17 -0.13
C ARG B 422 21.40 11.58 0.44
N LEU B 423 20.40 11.80 1.30
CA LEU B 423 20.21 13.10 1.95
C LEU B 423 20.93 13.09 3.27
N HIS B 424 21.84 14.06 3.47
CA HIS B 424 22.52 14.26 4.76
C HIS B 424 21.79 15.39 5.46
N THR B 425 21.18 15.13 6.61
CA THR B 425 20.24 16.06 7.21
C THR B 425 20.89 17.12 8.05
N GLY B 426 22.12 16.85 8.48
CA GLY B 426 22.76 17.60 9.51
C GLY B 426 22.09 17.50 10.88
N ASP B 427 21.16 16.58 11.08
CA ASP B 427 20.70 16.34 12.46
C ASP B 427 21.52 15.16 12.96
N TYR B 428 21.65 15.01 14.26
CA TYR B 428 22.46 13.92 14.78
C TYR B 428 21.67 13.06 15.75
N GLY B 429 21.90 11.75 15.67
CA GLY B 429 21.14 10.86 16.52
C GLY B 429 21.48 9.41 16.30
N HIS B 430 20.65 8.54 16.88
CA HIS B 430 20.93 7.13 16.85
C HIS B 430 19.66 6.33 16.56
N LEU B 431 19.82 5.17 15.95
CA LEU B 431 18.77 4.16 15.87
C LEU B 431 18.89 3.18 17.05
N ASP B 432 17.79 2.83 17.73
CA ASP B 432 17.85 1.77 18.75
C ASP B 432 17.88 0.42 18.07
N PHE B 436 13.90 2.30 15.24
CA PHE B 436 13.42 3.57 15.80
C PHE B 436 14.51 4.65 15.92
N LEU B 437 14.09 5.91 15.72
CA LEU B 437 15.00 7.04 15.63
C LEU B 437 14.87 7.94 16.83
N TYR B 438 16.04 8.41 17.28
CA TYR B 438 16.22 9.34 18.41
C TYR B 438 17.24 10.42 18.05
N PHE B 439 17.01 11.64 18.55
CA PHE B 439 18.03 12.72 18.50
C PHE B 439 19.11 12.63 19.58
#